data_7VLA
#
_entry.id   7VLA
#
_cell.length_a   1.00
_cell.length_b   1.00
_cell.length_c   1.00
_cell.angle_alpha   90.00
_cell.angle_beta   90.00
_cell.angle_gamma   90.00
#
_symmetry.space_group_name_H-M   'P 1'
#
loop_
_entity.id
_entity.type
_entity.pdbx_description
1 polymer 'Guanine nucleotide-binding protein G(i) subunit alpha-1'
2 polymer 'Guanine nucleotide-binding protein G(I)/G(S)/G(T) subunit beta-1'
3 polymer 'Guanine nucleotide-binding protein G(I)/G(S)/G(O) subunit gamma-2'
4 polymer CCL15(27-92)
5 polymer 'C-C chemokine receptor type 1'
6 polymer scFv16
7 non-polymer CHOLESTEROL
#
loop_
_entity_poly.entity_id
_entity_poly.type
_entity_poly.pdbx_seq_one_letter_code
_entity_poly.pdbx_strand_id
1 'polypeptide(L)'
;MGCTLSAEDKAAVERSKMIDRNLREDGEKAAREVKLLLLGAGESGKNTIVKQMKIIHEAGYSEEECKQYKAVVYSNTIQS
IIAIIRAMGRLKIDFGDSARADDARQLFVLAGAAEEGFMTAELAGVIKRLWKDSGVQACFNRSREYQLNDSAAYYLNDLD
RIAQPNYIPTQQDVLRTRVKTTGIVETHFTFKDLHFKMFDVGAQRSERKKWIHCFEGVTAIIFCVALSDYDLVLAEDEEM
NRMHASMKLFDSICNNKWFTDTSIILFLNKKDLFEEKIKKSPLTICYPEYAGSNTYEEAAAYIQCQFEDLNKRKDTKEIY
THFTCSTDTKNVQFVFDAVTDVIIKNNLKDCGLF
;
A
2 'polypeptide(L)'
;GPGSSGSELDQLRQEAEQLKNQIRDARKACADATLSQITNNIDPVGRIQMRTRRTLRGHLAKIYAMHWGTDSRLLVSASQ
DGKLIIWDSYTTNKVHAIPLRSSWVMTCAYAPSGNYVACGGLDNICSIYNLKTREGNVRVSRELAGHTGYLSCCRFLDDN
QIVTSSGDTTCALWDIETGQQTTTFTGHTGDVMSLSLAPDTRLFVSGACDASAKLWDVREGMCRQTFTGHESDINAICFF
PNGNAFATGSDDATCRLFDLRADQELMTYSHDNIICGITSVSFSKSGRLLLAGYDDFNCNVWDALKADRAGVLAGHDNRV
SCLGVTDDGMAVATGSWDSFLKIWN
;
B
3 'polypeptide(L)' MASNNTASIAQARKLVEQLKMEANIDRIKVSKAAADLMAYCEAHAKEDPLLTPVPASENPFREKKFFCAIL G
4 'polypeptide(L)' HFAADCCTSYISQSIPCSLMKSYFETSSECSKPGVIFLTKKGRQVCAKPSGPGVQDCMKKLKPYSIGSGENLYFQ L
5 'polypeptide(L)'
;GGSGMETPNTTEDYDTTTEFDYGDATPCQKVNERAFGAQLLPPLYSLVFVIGLVGNILVVLVLVQYKRLKNMTSIYLLNL
AISDLLFLFTLPFWIDYKLKDDWVFGDAMCKILSGFYYTGLYSEIFFIILLTIDRYLAIVHAVFALRARTVTFGVITSII
IWALAILASMPGLYFSKTQWEFTHHTCSLHFPHESLREWKLFQALKLNLFGLVLPLLVMIICYTGIIKILLRRPNEKKSK
AVRLIFVIMIIFFLFWTPYNLTILISVFQDFLFTHECEQSRHLDLAVQVTEVIAYTHCCVNPVIYAFVGERFRKYLRQLF
HRRVAVHLVKWLPFLSVDRLERVSSTSPSTGEHELSAGFLEVLFQ
;
R
6 'polypeptide(L)'
;DVQLVESGGGLVQPGGSRKLSCSASGFAFSSFGMHWVRQAPEKGLEWVAYISSGSGTIYYADTVKGRFTISRDDPKNTLF
LQMTSLRSEDTAMYYCVRSIYYYGSSPFDFWGQGTTLTVSSGGGGSGGGGSGGGGSDIVMTQATSSVPVTPGESVSISCR
SSKSLLHSNGNTYLYWFLQRPGQSPQLLIYRMSNLASGVPDRFSGSGSGTAFTLTISRLEAEDVGVYYCMQHLEYPLTFG
AGTKLELKGSLEVLFQ
;
S
#
loop_
_chem_comp.id
_chem_comp.type
_chem_comp.name
_chem_comp.formula
CLR non-polymer CHOLESTEROL 'C27 H46 O'
#
# COMPACT_ATOMS: atom_id res chain seq x y z
N CYS A 3 -10.09 -26.72 0.27
CA CYS A 3 -10.04 -25.63 1.23
C CYS A 3 -11.30 -24.78 1.19
N THR A 4 -12.44 -25.46 1.00
CA THR A 4 -13.77 -24.84 0.92
C THR A 4 -13.88 -23.82 -0.21
N LEU A 5 -13.00 -23.91 -1.21
CA LEU A 5 -13.06 -23.06 -2.39
C LEU A 5 -13.32 -23.93 -3.60
N SER A 6 -14.08 -23.42 -4.55
CA SER A 6 -14.28 -24.11 -5.81
C SER A 6 -13.00 -24.05 -6.64
N ALA A 7 -12.97 -24.83 -7.72
CA ALA A 7 -11.86 -24.71 -8.66
C ALA A 7 -11.78 -23.32 -9.24
N GLU A 8 -12.94 -22.75 -9.61
CA GLU A 8 -12.97 -21.41 -10.16
C GLU A 8 -12.66 -20.35 -9.11
N ASP A 9 -13.04 -20.56 -7.85
CA ASP A 9 -12.61 -19.64 -6.79
C ASP A 9 -11.09 -19.63 -6.64
N LYS A 10 -10.45 -20.80 -6.65
CA LYS A 10 -8.99 -20.83 -6.57
C LYS A 10 -8.36 -20.13 -7.75
N ALA A 11 -8.91 -20.33 -8.96
CA ALA A 11 -8.37 -19.65 -10.13
C ALA A 11 -8.56 -18.14 -10.04
N ALA A 12 -9.69 -17.69 -9.48
CA ALA A 12 -9.91 -16.27 -9.25
C ALA A 12 -8.91 -15.70 -8.27
N VAL A 13 -8.63 -16.41 -7.17
CA VAL A 13 -7.62 -15.95 -6.22
C VAL A 13 -6.25 -15.87 -6.87
N GLU A 14 -5.92 -16.84 -7.72
CA GLU A 14 -4.65 -16.80 -8.42
C GLU A 14 -4.55 -15.57 -9.31
N ARG A 15 -5.63 -15.24 -10.01
CA ARG A 15 -5.66 -14.01 -10.80
C ARG A 15 -5.48 -12.77 -9.93
N SER A 16 -6.16 -12.73 -8.78
CA SER A 16 -6.01 -11.58 -7.88
C SER A 16 -4.58 -11.45 -7.40
N LYS A 17 -3.91 -12.57 -7.11
CA LYS A 17 -2.51 -12.53 -6.69
C LYS A 17 -1.61 -11.99 -7.79
N MET A 18 -1.83 -12.40 -9.03
CA MET A 18 -1.04 -11.84 -10.12
C MET A 18 -1.27 -10.33 -10.27
N ILE A 19 -2.52 -9.88 -10.10
CA ILE A 19 -2.80 -8.45 -10.10
C ILE A 19 -2.03 -7.75 -8.99
N ASP A 20 -1.93 -8.38 -7.81
CA ASP A 20 -1.16 -7.79 -6.72
C ASP A 20 0.30 -7.63 -7.09
N ARG A 21 0.91 -8.66 -7.68
CA ARG A 21 2.30 -8.53 -8.08
C ARG A 21 2.50 -7.43 -9.12
N ASN A 22 1.58 -7.31 -10.08
CA ASN A 22 1.69 -6.21 -11.04
C ASN A 22 1.58 -4.84 -10.36
N LEU A 23 0.66 -4.68 -9.41
CA LEU A 23 0.54 -3.43 -8.69
C LEU A 23 1.80 -3.09 -7.92
N ARG A 24 2.40 -4.08 -7.25
CA ARG A 24 3.63 -3.84 -6.50
C ARG A 24 4.77 -3.42 -7.42
N GLU A 25 4.90 -4.07 -8.58
CA GLU A 25 5.95 -3.68 -9.51
C GLU A 25 5.77 -2.25 -9.98
N ASP A 26 4.52 -1.88 -10.30
CA ASP A 26 4.25 -0.52 -10.75
C ASP A 26 4.56 0.48 -9.64
N GLY A 27 4.19 0.17 -8.40
CA GLY A 27 4.48 1.08 -7.30
C GLY A 27 5.96 1.26 -7.04
N GLU A 28 6.72 0.16 -7.15
CA GLU A 28 8.17 0.26 -6.99
C GLU A 28 8.78 1.13 -8.07
N LYS A 29 8.31 1.00 -9.32
CA LYS A 29 8.82 1.89 -10.37
C LYS A 29 8.42 3.33 -10.11
N ALA A 30 7.21 3.56 -9.60
CA ALA A 30 6.73 4.92 -9.37
C ALA A 30 7.51 5.61 -8.27
N ALA A 31 7.89 4.88 -7.23
CA ALA A 31 8.53 5.51 -6.07
C ALA A 31 9.91 6.07 -6.42
N ARG A 32 10.52 5.58 -7.49
CA ARG A 32 11.89 5.96 -7.82
C ARG A 32 12.01 7.09 -8.82
N GLU A 33 10.96 7.89 -9.03
CA GLU A 33 11.02 9.02 -9.95
C GLU A 33 10.74 10.33 -9.23
N VAL A 34 11.32 11.40 -9.76
CA VAL A 34 11.21 12.74 -9.19
C VAL A 34 9.97 13.42 -9.76
N LYS A 35 9.19 14.05 -8.89
CA LYS A 35 8.01 14.77 -9.31
C LYS A 35 8.22 16.28 -9.11
N LEU A 36 7.97 17.03 -10.17
CA LEU A 36 8.21 18.47 -10.18
C LEU A 36 6.93 19.17 -10.61
N LEU A 37 6.46 20.11 -9.82
CA LEU A 37 5.30 20.92 -10.16
C LEU A 37 5.76 22.27 -10.71
N LEU A 38 5.39 22.56 -11.94
CA LEU A 38 5.89 23.74 -12.66
C LEU A 38 4.84 24.85 -12.60
N LEU A 39 5.14 25.89 -11.85
CA LEU A 39 4.25 27.03 -11.65
C LEU A 39 4.90 28.30 -12.19
N GLY A 40 4.09 29.16 -12.78
CA GLY A 40 4.57 30.45 -13.22
C GLY A 40 3.41 31.42 -13.31
N ALA A 41 3.67 32.67 -12.96
CA ALA A 41 2.66 33.71 -13.06
C ALA A 41 2.53 34.14 -14.51
N GLY A 42 1.36 33.93 -15.10
CA GLY A 42 1.21 34.14 -16.53
C GLY A 42 2.16 33.24 -17.28
N GLU A 43 2.85 33.80 -18.27
CA GLU A 43 3.88 33.09 -19.01
C GLU A 43 5.18 33.87 -18.89
N SER A 44 6.05 33.42 -17.98
CA SER A 44 7.29 34.15 -17.71
C SER A 44 8.45 33.61 -18.53
N GLY A 45 8.85 32.37 -18.27
CA GLY A 45 9.86 31.71 -19.06
C GLY A 45 9.56 30.24 -19.16
N LYS A 46 8.36 29.87 -18.70
CA LYS A 46 7.95 28.50 -18.45
C LYS A 46 8.15 27.61 -19.68
N ASN A 47 7.61 28.04 -20.82
CA ASN A 47 7.76 27.28 -22.06
C ASN A 47 9.22 27.16 -22.50
N THR A 48 10.00 28.24 -22.38
CA THR A 48 11.42 28.17 -22.68
C THR A 48 12.16 27.23 -21.74
N ILE A 49 11.81 27.23 -20.46
CA ILE A 49 12.41 26.26 -19.53
C ILE A 49 12.12 24.85 -19.97
N VAL A 50 10.86 24.57 -20.34
CA VAL A 50 10.50 23.23 -20.79
C VAL A 50 11.29 22.86 -22.04
N LYS A 51 11.44 23.80 -22.97
CA LYS A 51 12.20 23.53 -24.20
C LYS A 51 13.66 23.22 -23.87
N GLN A 52 14.26 23.98 -22.95
CA GLN A 52 15.65 23.73 -22.58
C GLN A 52 15.83 22.36 -21.92
N MET A 53 14.92 21.98 -21.03
CA MET A 53 15.10 20.73 -20.30
C MET A 53 14.92 19.51 -21.20
N LYS A 54 14.13 19.64 -22.26
CA LYS A 54 14.03 18.54 -23.22
C LYS A 54 15.31 18.39 -24.02
N THR A 182 -6.87 20.24 -23.10
CA THR A 182 -5.81 21.13 -22.66
C THR A 182 -5.74 21.20 -21.14
N GLY A 183 -5.53 20.06 -20.51
CA GLY A 183 -5.42 20.01 -19.06
C GLY A 183 -3.99 20.03 -18.59
N ILE A 184 -3.69 19.21 -17.58
CA ILE A 184 -2.32 19.10 -17.09
C ILE A 184 -1.43 18.54 -18.19
N VAL A 185 -0.22 19.09 -18.32
CA VAL A 185 0.75 18.64 -19.31
C VAL A 185 1.92 17.98 -18.59
N GLU A 186 2.20 16.73 -18.94
CA GLU A 186 3.28 15.98 -18.32
C GLU A 186 4.48 15.91 -19.26
N THR A 187 5.66 16.11 -18.70
CA THR A 187 6.92 16.04 -19.43
C THR A 187 7.83 15.06 -18.71
N HIS A 188 8.42 14.14 -19.46
CA HIS A 188 9.31 13.12 -18.90
C HIS A 188 10.71 13.36 -19.43
N PHE A 189 11.71 13.25 -18.56
CA PHE A 189 13.09 13.24 -19.05
C PHE A 189 13.99 12.53 -18.05
N THR A 190 15.21 12.25 -18.48
CA THR A 190 16.19 11.52 -17.68
C THR A 190 17.51 12.29 -17.69
N PHE A 191 18.06 12.51 -16.50
CA PHE A 191 19.34 13.18 -16.35
C PHE A 191 20.18 12.43 -15.33
N LYS A 192 21.36 12.00 -15.75
CA LYS A 192 22.34 11.34 -14.89
C LYS A 192 21.69 10.23 -14.06
N ASP A 193 21.07 9.29 -14.76
CA ASP A 193 20.44 8.11 -14.18
C ASP A 193 19.34 8.46 -13.19
N LEU A 194 18.70 9.62 -13.35
CA LEU A 194 17.59 10.00 -12.51
C LEU A 194 16.42 10.45 -13.39
N HIS A 195 15.21 10.00 -13.04
CA HIS A 195 14.03 10.18 -13.89
C HIS A 195 13.16 11.30 -13.34
N PHE A 196 12.84 12.27 -14.19
CA PHE A 196 12.09 13.46 -13.80
C PHE A 196 10.75 13.51 -14.53
N LYS A 197 9.70 13.76 -13.77
CA LYS A 197 8.36 14.02 -14.29
C LYS A 197 7.96 15.43 -13.89
N MET A 198 7.67 16.28 -14.87
CA MET A 198 7.31 17.67 -14.63
C MET A 198 5.88 17.91 -15.07
N PHE A 199 5.07 18.49 -14.19
CA PHE A 199 3.65 18.71 -14.42
C PHE A 199 3.38 20.20 -14.58
N ASP A 200 2.86 20.59 -15.72
CA ASP A 200 2.47 21.96 -16.00
C ASP A 200 0.96 22.09 -15.85
N VAL A 201 0.53 22.91 -14.90
CA VAL A 201 -0.87 23.13 -14.63
C VAL A 201 -1.35 24.46 -15.20
N GLY A 202 -0.61 25.03 -16.14
CA GLY A 202 -1.14 26.12 -16.93
C GLY A 202 -2.29 25.65 -17.81
N ALA A 203 -3.10 26.61 -18.23
CA ALA A 203 -4.35 26.37 -18.94
C ALA A 203 -5.37 25.63 -18.10
N GLN A 204 -5.27 25.76 -16.77
CA GLN A 204 -6.26 25.25 -15.82
C GLN A 204 -6.74 26.46 -15.03
N ARG A 205 -7.74 27.16 -15.57
CA ARG A 205 -8.19 28.43 -15.00
C ARG A 205 -9.40 28.18 -14.09
N SER A 206 -9.15 27.44 -13.03
CA SER A 206 -10.16 27.09 -12.05
C SER A 206 -9.63 27.40 -10.67
N GLU A 207 -10.50 27.29 -9.67
CA GLU A 207 -10.07 27.49 -8.29
C GLU A 207 -8.93 26.56 -7.95
N ARG A 208 -7.78 27.14 -7.64
CA ARG A 208 -6.60 26.35 -7.34
C ARG A 208 -6.76 25.53 -6.07
N LYS A 209 -7.48 26.05 -5.08
CA LYS A 209 -7.57 25.37 -3.80
C LYS A 209 -8.37 24.08 -3.86
N LYS A 210 -8.92 23.74 -5.03
CA LYS A 210 -9.66 22.50 -5.20
C LYS A 210 -8.83 21.38 -5.80
N TRP A 211 -7.67 21.68 -6.38
CA TRP A 211 -6.88 20.62 -6.99
C TRP A 211 -5.42 20.72 -6.60
N ILE A 212 -5.04 21.72 -5.81
CA ILE A 212 -3.65 21.89 -5.44
C ILE A 212 -3.19 20.79 -4.48
N HIS A 213 -4.09 20.29 -3.64
CA HIS A 213 -3.76 19.20 -2.74
C HIS A 213 -3.46 17.90 -3.48
N CYS A 214 -3.77 17.81 -4.76
CA CYS A 214 -3.34 16.66 -5.54
C CYS A 214 -1.84 16.59 -5.68
N PHE A 215 -1.13 17.70 -5.48
CA PHE A 215 0.32 17.72 -5.58
C PHE A 215 0.99 17.80 -4.21
N GLU A 216 0.34 17.25 -3.18
CA GLU A 216 0.88 17.33 -1.83
C GLU A 216 2.24 16.65 -1.71
N GLY A 217 2.42 15.52 -2.36
CA GLY A 217 3.64 14.74 -2.27
C GLY A 217 4.66 14.99 -3.36
N VAL A 218 4.58 16.12 -4.07
CA VAL A 218 5.52 16.40 -5.15
C VAL A 218 6.92 16.59 -4.56
N THR A 219 7.94 16.20 -5.32
CA THR A 219 9.31 16.34 -4.82
C THR A 219 9.73 17.80 -4.72
N ALA A 220 9.44 18.59 -5.76
CA ALA A 220 9.78 20.00 -5.65
C ALA A 220 8.85 20.82 -6.53
N ILE A 221 8.83 22.13 -6.26
CA ILE A 221 8.06 23.08 -7.06
C ILE A 221 9.02 24.00 -7.78
N ILE A 222 8.95 24.02 -9.11
CA ILE A 222 9.74 24.94 -9.92
C ILE A 222 8.87 26.15 -10.24
N PHE A 223 9.25 27.31 -9.73
CA PHE A 223 8.51 28.53 -9.90
C PHE A 223 9.28 29.47 -10.82
N CYS A 224 8.65 29.91 -11.90
CA CYS A 224 9.28 30.78 -12.88
C CYS A 224 8.74 32.19 -12.74
N VAL A 225 9.65 33.17 -12.65
CA VAL A 225 9.30 34.58 -12.52
C VAL A 225 10.12 35.35 -13.54
N ALA A 226 9.49 36.27 -14.24
CA ALA A 226 10.16 37.06 -15.26
C ALA A 226 10.74 38.34 -14.65
N LEU A 227 12.05 38.52 -14.82
CA LEU A 227 12.70 39.71 -14.29
C LEU A 227 12.33 40.97 -15.05
N SER A 228 12.15 40.88 -16.37
CA SER A 228 11.85 42.07 -17.15
C SER A 228 10.44 42.59 -16.89
N ASP A 229 9.59 41.79 -16.24
CA ASP A 229 8.19 42.14 -16.05
C ASP A 229 7.99 42.82 -14.69
N TYR A 230 8.62 43.98 -14.53
CA TYR A 230 8.38 44.80 -13.36
C TYR A 230 7.68 46.11 -13.67
N ASP A 231 8.06 46.75 -14.79
CA ASP A 231 7.37 47.97 -15.20
C ASP A 231 6.04 47.64 -15.88
N LEU A 232 5.97 46.50 -16.56
CA LEU A 232 4.77 46.15 -17.33
C LEU A 232 3.59 45.91 -16.38
N VAL A 233 2.40 45.84 -16.98
CA VAL A 233 1.16 45.65 -16.23
C VAL A 233 0.44 44.42 -16.77
N LEU A 234 -0.55 43.96 -16.01
CA LEU A 234 -1.20 42.70 -16.30
C LEU A 234 -1.93 42.73 -17.64
N ALA A 235 -2.34 43.92 -18.07
CA ALA A 235 -3.11 44.16 -19.30
C ALA A 235 -4.55 43.66 -19.15
N GLU A 236 -4.84 43.00 -18.02
CA GLU A 236 -6.22 42.74 -17.66
C GLU A 236 -6.70 43.74 -16.61
N ASP A 237 -5.82 44.09 -15.68
CA ASP A 237 -6.07 45.14 -14.70
C ASP A 237 -4.85 46.06 -14.73
N GLU A 238 -5.08 47.34 -15.02
CA GLU A 238 -3.97 48.22 -15.36
C GLU A 238 -3.14 48.64 -14.15
N GLU A 239 -3.76 48.71 -12.97
CA GLU A 239 -3.06 49.27 -11.82
C GLU A 239 -1.96 48.34 -11.33
N MET A 240 -2.17 47.03 -11.41
CA MET A 240 -1.25 46.07 -10.79
C MET A 240 -0.09 45.75 -11.73
N ASN A 241 1.12 45.81 -11.18
CA ASN A 241 2.30 45.39 -11.92
C ASN A 241 2.35 43.87 -12.02
N ARG A 242 3.01 43.37 -13.08
CA ARG A 242 3.15 41.93 -13.23
C ARG A 242 4.04 41.34 -12.14
N MET A 243 5.08 42.06 -11.72
CA MET A 243 5.96 41.57 -10.67
C MET A 243 5.22 41.42 -9.35
N HIS A 244 4.32 42.34 -9.03
CA HIS A 244 3.54 42.21 -7.80
C HIS A 244 2.61 41.02 -7.86
N ALA A 245 2.02 40.74 -9.03
CA ALA A 245 1.20 39.55 -9.19
C ALA A 245 2.03 38.29 -9.00
N SER A 246 3.26 38.28 -9.55
CA SER A 246 4.14 37.13 -9.35
C SER A 246 4.48 36.95 -7.88
N MET A 247 4.74 38.05 -7.16
CA MET A 247 5.02 37.94 -5.73
C MET A 247 3.81 37.45 -4.96
N LYS A 248 2.61 37.89 -5.33
CA LYS A 248 1.40 37.39 -4.67
C LYS A 248 1.23 35.90 -4.90
N LEU A 249 1.45 35.42 -6.13
CA LEU A 249 1.37 34.00 -6.41
C LEU A 249 2.42 33.22 -5.64
N PHE A 250 3.64 33.73 -5.57
CA PHE A 250 4.69 33.08 -4.80
C PHE A 250 4.33 33.01 -3.33
N ASP A 251 3.76 34.09 -2.79
CA ASP A 251 3.39 34.08 -1.38
C ASP A 251 2.27 33.07 -1.11
N SER A 252 1.31 32.96 -2.03
CA SER A 252 0.25 31.98 -1.86
C SER A 252 0.76 30.55 -1.94
N ILE A 253 1.67 30.27 -2.87
CA ILE A 253 2.19 28.92 -3.05
C ILE A 253 3.14 28.52 -1.93
N CYS A 254 4.07 29.41 -1.58
CA CYS A 254 5.12 29.06 -0.62
C CYS A 254 4.54 28.79 0.76
N ASN A 255 3.59 29.59 1.20
CA ASN A 255 3.00 29.47 2.52
C ASN A 255 1.70 28.68 2.50
N ASN A 256 1.45 27.93 1.43
CA ASN A 256 0.28 27.08 1.35
C ASN A 256 0.43 25.89 2.30
N LYS A 257 -0.67 25.48 2.92
CA LYS A 257 -0.60 24.47 3.96
C LYS A 257 -0.21 23.11 3.41
N TRP A 258 -0.49 22.84 2.13
CA TRP A 258 -0.13 21.55 1.55
C TRP A 258 1.35 21.45 1.23
N PHE A 259 2.04 22.59 1.15
CA PHE A 259 3.43 22.65 0.73
C PHE A 259 4.34 23.13 1.86
N THR A 260 4.04 22.69 3.08
CA THR A 260 4.81 23.15 4.24
C THR A 260 6.26 22.72 4.17
N ASP A 261 6.51 21.47 3.77
CA ASP A 261 7.84 20.88 3.83
C ASP A 261 8.42 20.56 2.46
N THR A 262 7.90 21.17 1.40
CA THR A 262 8.44 20.98 0.06
C THR A 262 9.23 22.22 -0.33
N SER A 263 10.24 22.02 -1.17
CA SER A 263 11.15 23.09 -1.54
C SER A 263 10.80 23.65 -2.91
N ILE A 264 11.27 24.88 -3.13
CA ILE A 264 10.96 25.65 -4.32
C ILE A 264 12.26 26.00 -5.02
N ILE A 265 12.32 25.68 -6.31
CA ILE A 265 13.40 26.10 -7.19
C ILE A 265 12.90 27.28 -7.99
N LEU A 266 13.48 28.46 -7.76
CA LEU A 266 13.01 29.70 -8.36
C LEU A 266 13.90 30.07 -9.53
N PHE A 267 13.30 30.24 -10.71
CA PHE A 267 14.01 30.65 -11.90
C PHE A 267 13.61 32.07 -12.26
N LEU A 268 14.59 32.97 -12.27
CA LEU A 268 14.37 34.37 -12.65
C LEU A 268 14.80 34.52 -14.10
N ASN A 269 13.82 34.54 -15.00
CA ASN A 269 14.03 34.37 -16.43
C ASN A 269 14.37 35.71 -17.10
N LYS A 270 14.71 35.61 -18.38
CA LYS A 270 15.03 36.81 -19.17
C LYS A 270 15.88 37.81 -18.44
N LYS A 271 17.05 37.36 -17.99
CA LYS A 271 17.95 38.30 -17.35
C LYS A 271 18.57 39.27 -18.36
N ASP A 272 18.86 38.80 -19.57
CA ASP A 272 19.45 39.68 -20.58
C ASP A 272 18.51 40.81 -20.97
N LEU A 273 17.22 40.51 -21.16
CA LEU A 273 16.22 41.55 -21.37
C LEU A 273 16.08 42.48 -20.18
N PHE A 274 16.45 42.00 -18.98
CA PHE A 274 16.58 42.87 -17.83
C PHE A 274 17.76 43.83 -18.00
N GLU A 275 18.87 43.31 -18.53
CA GLU A 275 20.08 44.10 -18.70
C GLU A 275 19.85 45.34 -19.55
N GLU A 276 19.04 45.22 -20.60
CA GLU A 276 18.76 46.37 -21.46
C GLU A 276 17.79 47.34 -20.80
N LYS A 277 16.95 46.86 -19.89
CA LYS A 277 15.88 47.70 -19.36
C LYS A 277 16.24 48.41 -18.06
N ILE A 278 17.10 47.82 -17.23
CA ILE A 278 17.40 48.42 -15.94
C ILE A 278 18.19 49.71 -16.11
N LYS A 279 18.99 49.82 -17.16
CA LYS A 279 19.84 50.99 -17.35
C LYS A 279 19.09 52.21 -17.86
N LYS A 280 17.83 52.06 -18.28
CA LYS A 280 16.96 53.19 -18.56
C LYS A 280 15.81 53.27 -17.57
N SER A 281 15.03 52.21 -17.43
CA SER A 281 13.89 52.20 -16.54
C SER A 281 14.34 51.86 -15.13
N PRO A 282 14.19 52.75 -14.17
CA PRO A 282 14.60 52.44 -12.79
C PRO A 282 13.69 51.39 -12.16
N LEU A 283 14.27 50.61 -11.25
CA LEU A 283 13.52 49.56 -10.58
C LEU A 283 12.53 50.15 -9.58
N THR A 284 12.70 51.43 -9.23
CA THR A 284 11.83 52.05 -8.26
C THR A 284 10.38 52.11 -8.71
N ILE A 285 10.11 51.90 -10.00
CA ILE A 285 8.75 51.85 -10.50
C ILE A 285 7.96 50.74 -9.84
N CYS A 286 8.59 49.60 -9.60
CA CYS A 286 7.95 48.48 -8.92
C CYS A 286 8.23 48.42 -7.42
N TYR A 287 9.45 48.81 -7.00
CA TYR A 287 9.84 48.79 -5.60
C TYR A 287 10.26 50.19 -5.21
N PRO A 288 9.33 51.03 -4.77
CA PRO A 288 9.67 52.41 -4.40
C PRO A 288 10.70 52.52 -3.29
N GLU A 289 10.73 51.57 -2.36
CA GLU A 289 11.66 51.61 -1.24
C GLU A 289 13.10 51.30 -1.64
N TYR A 290 13.33 50.90 -2.89
CA TYR A 290 14.68 50.60 -3.34
C TYR A 290 15.56 51.84 -3.24
N ALA A 291 16.75 51.68 -2.67
CA ALA A 291 17.66 52.79 -2.44
C ALA A 291 19.08 52.45 -2.90
N GLY A 292 19.20 51.52 -3.85
CA GLY A 292 20.48 51.14 -4.40
C GLY A 292 20.73 51.77 -5.76
N SER A 293 21.81 51.31 -6.39
CA SER A 293 22.19 51.78 -7.71
C SER A 293 21.38 51.09 -8.78
N ASN A 294 21.14 51.81 -9.89
CA ASN A 294 20.34 51.28 -11.01
C ASN A 294 21.25 50.55 -11.99
N THR A 295 21.92 49.52 -11.47
CA THR A 295 22.66 48.57 -12.28
C THR A 295 22.30 47.16 -11.84
N TYR A 296 22.55 46.19 -12.73
CA TYR A 296 21.83 44.93 -12.66
C TYR A 296 22.20 44.08 -11.45
N GLU A 297 23.43 44.20 -10.93
CA GLU A 297 23.83 43.35 -9.82
C GLU A 297 22.94 43.57 -8.60
N GLU A 298 22.85 44.81 -8.13
CA GLU A 298 22.05 45.12 -6.94
C GLU A 298 20.57 45.01 -7.24
N ALA A 299 20.13 45.33 -8.45
CA ALA A 299 18.72 45.17 -8.80
C ALA A 299 18.30 43.71 -8.72
N ALA A 300 19.08 42.82 -9.33
CA ALA A 300 18.78 41.39 -9.28
C ALA A 300 18.87 40.84 -7.87
N ALA A 301 19.87 41.28 -7.11
CA ALA A 301 19.97 40.85 -5.72
C ALA A 301 18.77 41.32 -4.90
N TYR A 302 18.31 42.54 -5.15
CA TYR A 302 17.14 43.06 -4.45
C TYR A 302 15.90 42.24 -4.78
N ILE A 303 15.72 41.90 -6.06
CA ILE A 303 14.55 41.11 -6.45
C ILE A 303 14.61 39.72 -5.82
N GLN A 304 15.77 39.09 -5.85
CA GLN A 304 15.93 37.78 -5.21
C GLN A 304 15.61 37.85 -3.72
N CYS A 305 16.14 38.87 -3.04
CA CYS A 305 15.89 38.99 -1.61
C CYS A 305 14.42 39.26 -1.32
N GLN A 306 13.78 40.09 -2.16
CA GLN A 306 12.36 40.38 -1.97
C GLN A 306 11.52 39.12 -2.13
N PHE A 307 11.87 38.26 -3.08
CA PHE A 307 11.14 37.01 -3.23
C PHE A 307 11.41 36.05 -2.07
N GLU A 308 12.66 35.94 -1.64
CA GLU A 308 12.98 35.00 -0.57
C GLU A 308 12.44 35.46 0.78
N ASP A 309 12.22 36.76 0.95
CA ASP A 309 11.68 37.26 2.21
C ASP A 309 10.23 36.88 2.43
N LEU A 310 9.54 36.40 1.40
CA LEU A 310 8.17 35.93 1.54
C LEU A 310 8.08 34.56 2.18
N ASN A 311 9.20 33.86 2.33
CA ASN A 311 9.23 32.53 2.94
C ASN A 311 9.00 32.69 4.43
N LYS A 312 7.80 32.35 4.88
CA LYS A 312 7.45 32.44 6.29
C LYS A 312 7.69 31.14 7.05
N ARG A 313 8.24 30.13 6.38
CA ARG A 313 8.66 28.87 7.01
C ARG A 313 10.09 28.62 6.57
N LYS A 314 11.04 29.22 7.28
CA LYS A 314 12.44 29.13 6.88
C LYS A 314 13.18 27.97 7.52
N ASP A 315 12.57 27.31 8.50
CA ASP A 315 13.21 26.21 9.20
C ASP A 315 12.80 24.84 8.66
N THR A 316 11.97 24.81 7.62
CA THR A 316 11.46 23.55 7.08
C THR A 316 11.71 23.40 5.59
N LYS A 317 11.63 24.48 4.83
CA LYS A 317 11.79 24.43 3.38
C LYS A 317 12.83 25.43 2.93
N GLU A 318 13.59 25.05 1.92
CA GLU A 318 14.59 25.91 1.30
C GLU A 318 14.08 26.43 -0.03
N ILE A 319 14.67 27.55 -0.47
CA ILE A 319 14.39 28.14 -1.76
C ILE A 319 15.70 28.24 -2.52
N TYR A 320 15.75 27.64 -3.70
CA TYR A 320 16.94 27.65 -4.54
C TYR A 320 16.67 28.60 -5.70
N THR A 321 17.55 29.57 -5.89
CA THR A 321 17.34 30.63 -6.87
C THR A 321 18.41 30.56 -7.95
N HIS A 322 17.97 30.62 -9.20
CA HIS A 322 18.88 30.60 -10.34
C HIS A 322 18.50 31.72 -11.29
N PHE A 323 19.49 32.44 -11.78
CA PHE A 323 19.31 33.46 -12.79
C PHE A 323 19.64 32.85 -14.14
N THR A 324 18.65 32.77 -15.00
CA THR A 324 18.80 32.05 -16.27
C THR A 324 18.45 32.99 -17.42
N CYS A 325 18.47 32.44 -18.63
CA CYS A 325 18.19 33.21 -19.82
C CYS A 325 17.48 32.30 -20.82
N SER A 326 17.14 32.86 -21.98
CA SER A 326 16.55 32.06 -23.04
C SER A 326 17.53 31.06 -23.62
N THR A 327 18.83 31.31 -23.49
CA THR A 327 19.87 30.42 -24.02
C THR A 327 20.82 30.05 -22.88
N ASP A 328 20.46 29.04 -22.11
CA ASP A 328 21.30 28.48 -21.05
C ASP A 328 21.17 26.97 -21.07
N THR A 329 22.29 26.29 -20.82
CA THR A 329 22.33 24.83 -20.81
C THR A 329 22.38 24.25 -19.40
N LYS A 330 22.65 25.08 -18.40
CA LYS A 330 22.93 24.59 -17.05
C LYS A 330 21.70 24.58 -16.14
N ASN A 331 20.51 24.87 -16.67
CA ASN A 331 19.31 24.85 -15.84
C ASN A 331 18.99 23.44 -15.37
N VAL A 332 19.17 22.45 -16.24
CA VAL A 332 18.91 21.06 -15.86
C VAL A 332 19.89 20.62 -14.78
N GLN A 333 21.15 21.07 -14.89
CA GLN A 333 22.13 20.76 -13.86
C GLN A 333 21.74 21.37 -12.52
N PHE A 334 21.25 22.62 -12.52
CA PHE A 334 20.82 23.24 -11.29
C PHE A 334 19.65 22.50 -10.67
N VAL A 335 18.68 22.10 -11.49
CA VAL A 335 17.55 21.34 -10.97
C VAL A 335 18.03 20.01 -10.41
N PHE A 336 18.98 19.36 -11.08
CA PHE A 336 19.51 18.09 -10.59
C PHE A 336 20.17 18.26 -9.23
N ASP A 337 20.98 19.31 -9.06
CA ASP A 337 21.63 19.53 -7.77
C ASP A 337 20.62 19.83 -6.67
N ALA A 338 19.63 20.67 -6.94
CA ALA A 338 18.63 20.98 -5.93
C ALA A 338 17.83 19.73 -5.55
N VAL A 339 17.46 18.92 -6.54
CA VAL A 339 16.74 17.69 -6.24
C VAL A 339 17.60 16.72 -5.46
N THR A 340 18.90 16.67 -5.75
CA THR A 340 19.80 15.84 -4.96
C THR A 340 19.81 16.28 -3.51
N ASP A 341 19.80 17.59 -3.26
CA ASP A 341 19.72 18.08 -1.89
C ASP A 341 18.40 17.70 -1.24
N VAL A 342 17.29 17.79 -1.97
CA VAL A 342 16.01 17.40 -1.39
C VAL A 342 15.99 15.91 -1.03
N ILE A 343 16.54 15.08 -1.91
CA ILE A 343 16.61 13.64 -1.64
C ILE A 343 17.49 13.36 -0.43
N ILE A 344 18.64 14.03 -0.33
CA ILE A 344 19.52 13.83 0.81
C ILE A 344 18.83 14.25 2.11
N LYS A 345 18.06 15.33 2.06
CA LYS A 345 17.34 15.79 3.24
C LYS A 345 16.28 14.81 3.65
N ASN A 346 15.57 14.24 2.68
CA ASN A 346 14.57 13.23 3.01
C ASN A 346 15.22 11.96 3.56
N ASN A 347 16.40 11.58 3.03
CA ASN A 347 17.12 10.43 3.56
C ASN A 347 17.62 10.67 4.98
N LEU A 348 18.09 11.88 5.26
CA LEU A 348 18.43 12.28 6.62
C LEU A 348 17.23 12.13 7.55
N LYS A 349 16.06 12.53 7.08
CA LYS A 349 14.86 12.38 7.91
C LYS A 349 14.51 10.90 8.10
N ASP A 350 14.76 10.06 7.09
CA ASP A 350 14.44 8.65 7.20
C ASP A 350 15.45 7.90 8.07
N CYS A 351 16.74 8.19 7.91
CA CYS A 351 17.77 7.45 8.62
C CYS A 351 17.87 7.82 10.10
N GLY A 352 17.22 8.89 10.53
CA GLY A 352 17.28 9.28 11.93
C GLY A 352 18.41 10.20 12.30
N LEU A 353 19.11 10.79 11.33
CA LEU A 353 20.12 11.79 11.66
C LEU A 353 19.52 13.15 11.95
N PHE A 354 18.40 13.49 11.32
CA PHE A 354 17.51 14.51 11.86
C PHE A 354 16.63 13.87 12.92
N SER B 7 -30.79 54.22 -17.34
CA SER B 7 -29.86 53.11 -17.40
C SER B 7 -30.59 51.77 -17.39
N GLU B 8 -30.50 51.06 -18.52
CA GLU B 8 -31.18 49.76 -18.62
C GLU B 8 -30.59 48.75 -17.65
N LEU B 9 -29.27 48.77 -17.47
CA LEU B 9 -28.63 47.82 -16.58
C LEU B 9 -29.10 47.99 -15.14
N ASP B 10 -29.24 49.23 -14.69
CA ASP B 10 -29.76 49.47 -13.35
C ASP B 10 -31.19 48.96 -13.21
N GLN B 11 -32.02 49.18 -14.23
CA GLN B 11 -33.40 48.69 -14.18
C GLN B 11 -33.43 47.17 -14.11
N LEU B 12 -32.60 46.49 -14.89
CA LEU B 12 -32.53 45.04 -14.83
C LEU B 12 -32.05 44.55 -13.47
N ARG B 13 -31.06 45.23 -12.89
CA ARG B 13 -30.57 44.82 -11.57
C ARG B 13 -31.65 44.99 -10.50
N GLN B 14 -32.40 46.09 -10.56
CA GLN B 14 -33.48 46.29 -9.60
C GLN B 14 -34.59 45.28 -9.81
N GLU B 15 -34.90 44.95 -11.06
CA GLU B 15 -35.88 43.91 -11.35
C GLU B 15 -35.45 42.58 -10.77
N ALA B 16 -34.16 42.23 -10.93
CA ALA B 16 -33.66 41.00 -10.35
C ALA B 16 -33.76 41.00 -8.84
N GLU B 17 -33.44 42.14 -8.21
CA GLU B 17 -33.53 42.22 -6.75
C GLU B 17 -34.96 42.04 -6.26
N GLN B 18 -35.92 42.68 -6.93
CA GLN B 18 -37.30 42.55 -6.46
C GLN B 18 -37.84 41.15 -6.73
N LEU B 19 -37.39 40.52 -7.82
CA LEU B 19 -37.76 39.13 -8.07
C LEU B 19 -37.22 38.22 -6.98
N LYS B 20 -35.97 38.43 -6.57
CA LYS B 20 -35.39 37.64 -5.49
C LYS B 20 -36.14 37.86 -4.18
N ASN B 21 -36.55 39.11 -3.93
CA ASN B 21 -37.34 39.40 -2.74
C ASN B 21 -38.68 38.66 -2.78
N GLN B 22 -39.34 38.65 -3.93
CA GLN B 22 -40.61 37.94 -4.06
C GLN B 22 -40.44 36.44 -3.84
N ILE B 23 -39.37 35.86 -4.40
CA ILE B 23 -39.12 34.44 -4.19
C ILE B 23 -38.88 34.14 -2.72
N ARG B 24 -38.08 34.97 -2.05
CA ARG B 24 -37.83 34.75 -0.62
C ARG B 24 -39.12 34.89 0.19
N ASP B 25 -39.97 35.84 -0.17
CA ASP B 25 -41.23 36.00 0.55
C ASP B 25 -42.15 34.80 0.36
N ALA B 26 -42.21 34.25 -0.87
CA ALA B 26 -43.01 33.05 -1.09
C ALA B 26 -42.46 31.87 -0.29
N ARG B 27 -41.13 31.70 -0.28
CA ARG B 27 -40.54 30.63 0.50
C ARG B 27 -40.84 30.78 1.98
N LYS B 28 -40.76 32.01 2.50
CA LYS B 28 -41.11 32.25 3.89
C LYS B 28 -42.59 32.02 4.16
N ALA B 29 -43.46 32.28 3.19
CA ALA B 29 -44.88 32.01 3.37
C ALA B 29 -45.20 30.52 3.34
N CYS B 30 -44.37 29.71 2.69
CA CYS B 30 -44.58 28.27 2.66
C CYS B 30 -44.02 27.56 3.89
N ALA B 31 -43.30 28.26 4.76
CA ALA B 31 -42.69 27.63 5.93
C ALA B 31 -43.56 27.86 7.16
N ASP B 32 -44.62 27.06 7.27
CA ASP B 32 -45.52 27.12 8.41
C ASP B 32 -45.03 26.27 9.58
N ALA B 33 -44.05 25.40 9.38
CA ALA B 33 -43.51 24.57 10.43
C ALA B 33 -42.14 24.09 9.99
N THR B 34 -41.41 23.49 10.92
CA THR B 34 -40.08 22.96 10.64
C THR B 34 -40.08 21.45 10.76
N LEU B 35 -39.07 20.83 10.16
CA LEU B 35 -38.91 19.38 10.26
C LEU B 35 -38.73 18.94 11.71
N SER B 36 -38.13 19.80 12.55
CA SER B 36 -37.86 19.42 13.92
C SER B 36 -39.11 19.35 14.79
N GLN B 37 -40.10 20.21 14.54
CA GLN B 37 -41.33 20.17 15.33
C GLN B 37 -42.31 19.10 14.86
N ILE B 38 -42.07 18.45 13.73
CA ILE B 38 -42.89 17.34 13.29
C ILE B 38 -42.28 16.00 13.67
N THR B 39 -40.98 15.85 13.50
CA THR B 39 -40.28 14.65 13.93
C THR B 39 -39.94 14.67 15.42
N ASN B 40 -40.65 15.47 16.21
CA ASN B 40 -40.36 15.55 17.64
C ASN B 40 -40.76 14.28 18.37
N ASN B 41 -41.81 13.61 17.92
CA ASN B 41 -42.34 12.45 18.61
C ASN B 41 -41.80 11.13 18.08
N ILE B 42 -40.83 11.17 17.18
CA ILE B 42 -40.25 9.98 16.59
C ILE B 42 -39.30 9.35 17.60
N ASP B 43 -39.37 8.03 17.75
CA ASP B 43 -38.41 7.34 18.58
C ASP B 43 -37.01 7.49 18.00
N PRO B 44 -36.01 7.88 18.79
CA PRO B 44 -34.67 8.06 18.24
C PRO B 44 -34.08 6.74 17.76
N VAL B 45 -33.14 6.84 16.83
CA VAL B 45 -32.50 5.65 16.27
C VAL B 45 -31.80 4.86 17.38
N GLY B 46 -31.10 5.55 18.25
CA GLY B 46 -30.21 4.91 19.20
C GLY B 46 -28.77 5.03 18.77
N ARG B 47 -27.98 4.06 19.20
CA ARG B 47 -26.57 4.02 18.84
C ARG B 47 -26.35 3.08 17.66
N ILE B 48 -25.79 3.64 16.59
CA ILE B 48 -25.41 2.85 15.41
C ILE B 48 -23.97 2.43 15.58
N GLN B 49 -23.73 1.13 15.62
CA GLN B 49 -22.39 0.57 15.81
C GLN B 49 -22.10 -0.35 14.64
N MET B 50 -21.50 0.20 13.60
CA MET B 50 -21.08 -0.62 12.47
C MET B 50 -19.62 -1.02 12.63
N ARG B 51 -19.28 -2.13 12.00
CA ARG B 51 -17.99 -2.79 12.18
C ARG B 51 -17.37 -3.08 10.83
N THR B 52 -16.05 -3.01 10.79
CA THR B 52 -15.32 -3.29 9.56
C THR B 52 -15.36 -4.78 9.29
N ARG B 53 -15.91 -5.14 8.13
CA ARG B 53 -15.98 -6.52 7.68
C ARG B 53 -14.92 -6.84 6.64
N ARG B 54 -14.54 -5.88 5.82
CA ARG B 54 -13.51 -6.08 4.81
C ARG B 54 -12.58 -4.88 4.81
N THR B 55 -11.32 -5.12 4.49
CA THR B 55 -10.36 -4.05 4.18
C THR B 55 -9.76 -4.35 2.82
N LEU B 56 -9.74 -3.35 1.94
CA LEU B 56 -9.31 -3.53 0.56
C LEU B 56 -7.96 -2.86 0.39
N ARG B 57 -6.93 -3.67 0.17
CA ARG B 57 -5.55 -3.21 0.05
C ARG B 57 -5.05 -3.45 -1.35
N GLY B 58 -4.17 -2.57 -1.82
CA GLY B 58 -3.63 -2.67 -3.16
C GLY B 58 -3.42 -1.35 -3.86
N HIS B 59 -4.19 -0.33 -3.49
CA HIS B 59 -3.89 1.02 -3.94
C HIS B 59 -2.68 1.56 -3.22
N LEU B 60 -1.80 2.25 -3.95
CA LEU B 60 -0.55 2.73 -3.41
C LEU B 60 -0.47 4.25 -3.31
N ALA B 61 -1.61 4.94 -3.39
CA ALA B 61 -1.64 6.38 -3.23
C ALA B 61 -3.00 6.77 -2.68
N LYS B 62 -3.27 8.07 -2.67
CA LYS B 62 -4.54 8.57 -2.17
C LYS B 62 -5.69 8.12 -3.07
N ILE B 63 -6.74 7.61 -2.44
CA ILE B 63 -7.96 7.21 -3.15
C ILE B 63 -8.87 8.42 -3.23
N TYR B 64 -9.35 8.75 -4.42
CA TYR B 64 -10.26 9.88 -4.56
C TYR B 64 -11.71 9.50 -4.75
N ALA B 65 -12.01 8.40 -5.44
CA ALA B 65 -13.39 8.11 -5.75
C ALA B 65 -13.64 6.62 -5.65
N MET B 66 -14.89 6.26 -5.39
CA MET B 66 -15.35 4.90 -5.48
C MET B 66 -16.81 4.92 -5.92
N HIS B 67 -17.25 3.82 -6.52
CA HIS B 67 -18.66 3.71 -6.88
C HIS B 67 -19.08 2.25 -6.81
N TRP B 68 -20.20 1.99 -6.14
CA TRP B 68 -20.74 0.64 -6.03
C TRP B 68 -21.36 0.21 -7.36
N GLY B 69 -21.28 -1.08 -7.64
CA GLY B 69 -22.05 -1.65 -8.71
C GLY B 69 -23.50 -1.86 -8.33
N THR B 70 -24.33 -2.07 -9.36
CA THR B 70 -25.75 -2.31 -9.12
C THR B 70 -25.97 -3.67 -8.44
N ASP B 71 -25.05 -4.62 -8.64
CA ASP B 71 -25.16 -5.94 -8.06
C ASP B 71 -24.73 -6.01 -6.61
N SER B 72 -24.16 -4.94 -6.06
CA SER B 72 -23.78 -4.80 -4.65
C SER B 72 -22.63 -5.71 -4.25
N ARG B 73 -21.99 -6.39 -5.18
CA ARG B 73 -20.73 -7.05 -4.94
C ARG B 73 -19.53 -6.29 -5.46
N LEU B 74 -19.63 -5.73 -6.66
CA LEU B 74 -18.49 -5.21 -7.38
C LEU B 74 -18.28 -3.74 -7.05
N LEU B 75 -17.02 -3.35 -6.91
CA LEU B 75 -16.62 -1.97 -6.66
C LEU B 75 -15.64 -1.52 -7.73
N VAL B 76 -15.64 -0.23 -8.01
CA VAL B 76 -14.55 0.41 -8.71
C VAL B 76 -14.04 1.54 -7.82
N SER B 77 -12.73 1.64 -7.69
CA SER B 77 -12.09 2.72 -6.96
C SER B 77 -10.95 3.27 -7.80
N ALA B 78 -10.68 4.56 -7.61
CA ALA B 78 -9.69 5.27 -8.40
C ALA B 78 -8.67 5.95 -7.50
N SER B 79 -7.39 5.75 -7.80
CA SER B 79 -6.35 6.37 -7.00
C SER B 79 -5.37 7.12 -7.90
N GLN B 80 -4.57 7.99 -7.29
CA GLN B 80 -3.53 8.75 -7.97
C GLN B 80 -2.33 7.90 -8.35
N ASP B 81 -2.41 6.58 -8.17
CA ASP B 81 -1.48 5.66 -8.80
C ASP B 81 -1.60 5.68 -10.31
N GLY B 82 -2.67 6.25 -10.83
CA GLY B 82 -3.06 5.99 -12.20
C GLY B 82 -3.73 4.65 -12.35
N LYS B 83 -4.48 4.22 -11.34
CA LYS B 83 -5.07 2.90 -11.37
C LYS B 83 -6.54 2.98 -10.99
N LEU B 84 -7.33 2.27 -11.79
CA LEU B 84 -8.70 1.91 -11.44
C LEU B 84 -8.69 0.45 -11.01
N ILE B 85 -9.29 0.14 -9.87
CA ILE B 85 -9.40 -1.25 -9.46
C ILE B 85 -10.86 -1.62 -9.31
N ILE B 86 -11.24 -2.73 -9.93
CA ILE B 86 -12.55 -3.34 -9.73
C ILE B 86 -12.35 -4.53 -8.79
N TRP B 87 -13.07 -4.46 -7.66
CA TRP B 87 -12.99 -5.34 -6.52
C TRP B 87 -14.22 -6.22 -6.43
N ASP B 88 -14.01 -7.47 -6.04
CA ASP B 88 -15.07 -8.31 -5.50
C ASP B 88 -15.10 -8.09 -3.98
N SER B 89 -16.18 -7.50 -3.48
CA SER B 89 -16.20 -7.14 -2.07
C SER B 89 -16.44 -8.33 -1.16
N TYR B 90 -17.10 -9.38 -1.65
CA TYR B 90 -17.38 -10.56 -0.83
C TYR B 90 -16.13 -11.35 -0.51
N THR B 91 -15.23 -11.51 -1.47
CA THR B 91 -14.04 -12.32 -1.26
C THR B 91 -12.75 -11.50 -1.21
N THR B 92 -12.82 -10.21 -1.54
CA THR B 92 -11.74 -9.23 -1.54
C THR B 92 -10.89 -9.42 -2.81
N ASN B 93 -11.25 -10.34 -3.69
CA ASN B 93 -10.48 -10.51 -4.91
C ASN B 93 -10.52 -9.25 -5.77
N LYS B 94 -9.39 -8.97 -6.40
CA LYS B 94 -9.33 -7.95 -7.43
C LYS B 94 -9.73 -8.56 -8.76
N VAL B 95 -10.85 -8.08 -9.30
CA VAL B 95 -11.35 -8.53 -10.58
C VAL B 95 -10.59 -7.88 -11.72
N HIS B 96 -10.42 -6.56 -11.67
CA HIS B 96 -9.71 -5.86 -12.74
C HIS B 96 -8.78 -4.81 -12.18
N ALA B 97 -7.68 -4.58 -12.89
CA ALA B 97 -6.79 -3.45 -12.64
C ALA B 97 -6.56 -2.73 -13.96
N ILE B 98 -6.97 -1.47 -14.03
CA ILE B 98 -7.01 -0.69 -15.26
C ILE B 98 -5.96 0.41 -15.15
N PRO B 99 -4.94 0.42 -16.00
CA PRO B 99 -4.01 1.55 -16.03
C PRO B 99 -4.65 2.74 -16.71
N LEU B 100 -4.42 3.92 -16.16
CA LEU B 100 -4.98 5.16 -16.67
C LEU B 100 -3.92 5.93 -17.43
N ARG B 101 -4.36 6.63 -18.48
CA ARG B 101 -3.45 7.43 -19.28
C ARG B 101 -3.01 8.69 -18.56
N SER B 102 -3.83 9.18 -17.64
CA SER B 102 -3.50 10.32 -16.78
C SER B 102 -3.77 9.90 -15.35
N SER B 103 -2.79 10.10 -14.47
CA SER B 103 -2.91 9.64 -13.10
C SER B 103 -3.68 10.58 -12.21
N TRP B 104 -4.12 11.73 -12.72
CA TRP B 104 -4.79 12.74 -11.91
C TRP B 104 -6.31 12.58 -12.04
N VAL B 105 -6.80 11.48 -11.49
CA VAL B 105 -8.21 11.15 -11.51
C VAL B 105 -8.86 11.75 -10.26
N MET B 106 -10.07 12.25 -10.42
CA MET B 106 -10.83 12.78 -9.31
C MET B 106 -12.19 12.12 -9.16
N THR B 107 -12.69 11.46 -10.20
CA THR B 107 -14.01 10.85 -10.18
C THR B 107 -13.97 9.53 -10.93
N CYS B 108 -14.89 8.64 -10.56
CA CYS B 108 -15.09 7.39 -11.28
C CYS B 108 -16.56 7.00 -11.16
N ALA B 109 -17.05 6.29 -12.17
CA ALA B 109 -18.43 5.83 -12.17
C ALA B 109 -18.49 4.44 -12.78
N TYR B 110 -19.46 3.66 -12.31
CA TYR B 110 -19.67 2.31 -12.79
C TYR B 110 -21.08 2.25 -13.36
N ALA B 111 -21.23 1.75 -14.58
CA ALA B 111 -22.50 1.83 -15.27
C ALA B 111 -23.52 0.88 -14.64
N PRO B 112 -24.81 1.23 -14.67
CA PRO B 112 -25.84 0.36 -14.09
C PRO B 112 -25.90 -1.03 -14.73
N SER B 113 -25.54 -1.16 -16.00
CA SER B 113 -25.51 -2.46 -16.65
C SER B 113 -24.31 -3.30 -16.23
N GLY B 114 -23.26 -2.67 -15.72
CA GLY B 114 -22.04 -3.37 -15.36
C GLY B 114 -21.06 -3.55 -16.49
N ASN B 115 -21.34 -2.99 -17.67
CA ASN B 115 -20.51 -3.22 -18.84
C ASN B 115 -19.41 -2.17 -19.00
N TYR B 116 -19.54 -1.02 -18.34
CA TYR B 116 -18.65 0.11 -18.57
C TYR B 116 -18.22 0.74 -17.25
N VAL B 117 -17.07 1.37 -17.28
CA VAL B 117 -16.53 2.17 -16.17
C VAL B 117 -16.10 3.52 -16.72
N ALA B 118 -16.35 4.59 -15.98
CA ALA B 118 -15.94 5.92 -16.40
C ALA B 118 -14.98 6.51 -15.38
N CYS B 119 -14.04 7.32 -15.86
CA CYS B 119 -13.14 8.03 -14.96
C CYS B 119 -12.70 9.33 -15.62
N GLY B 120 -12.09 10.20 -14.82
CA GLY B 120 -11.58 11.45 -15.34
C GLY B 120 -11.09 12.35 -14.22
N GLY B 121 -10.50 13.46 -14.62
CA GLY B 121 -9.91 14.37 -13.67
C GLY B 121 -9.24 15.58 -14.28
N LEU B 122 -8.02 15.88 -13.84
CA LEU B 122 -7.31 17.08 -14.25
C LEU B 122 -6.86 17.08 -15.70
N ASP B 123 -7.18 16.04 -16.46
CA ASP B 123 -6.90 16.01 -17.90
C ASP B 123 -8.02 16.62 -18.72
N ASN B 124 -9.15 16.94 -18.09
CA ASN B 124 -10.33 17.57 -18.69
C ASN B 124 -11.15 16.59 -19.52
N ILE B 125 -10.91 15.29 -19.40
CA ILE B 125 -11.46 14.29 -20.29
C ILE B 125 -12.20 13.25 -19.46
N CYS B 126 -13.33 12.76 -19.98
CA CYS B 126 -14.02 11.62 -19.38
C CYS B 126 -13.75 10.38 -20.23
N SER B 127 -13.09 9.39 -19.65
CA SER B 127 -12.75 8.16 -20.36
C SER B 127 -13.74 7.07 -19.98
N ILE B 128 -14.31 6.45 -21.02
CA ILE B 128 -15.28 5.36 -20.90
C ILE B 128 -14.56 4.08 -21.29
N TYR B 129 -14.55 3.11 -20.38
CA TYR B 129 -13.84 1.84 -20.50
C TYR B 129 -14.82 0.69 -20.64
N ASN B 130 -14.58 -0.14 -21.65
CA ASN B 130 -15.38 -1.34 -21.91
C ASN B 130 -14.83 -2.48 -21.08
N LEU B 131 -15.69 -3.09 -20.27
CA LEU B 131 -15.26 -4.14 -19.38
C LEU B 131 -15.35 -5.53 -19.99
N LYS B 132 -16.15 -5.71 -21.03
CA LYS B 132 -16.54 -7.03 -21.51
C LYS B 132 -16.25 -7.14 -22.99
N THR B 133 -15.00 -7.45 -23.32
CA THR B 133 -14.52 -7.56 -24.68
C THR B 133 -14.20 -9.00 -25.02
N ARG B 134 -14.15 -9.31 -26.31
CA ARG B 134 -13.78 -10.65 -26.75
C ARG B 134 -12.32 -10.94 -26.48
N GLU B 135 -11.46 -9.94 -26.57
CA GLU B 135 -10.03 -10.13 -26.39
C GLU B 135 -9.65 -10.43 -24.94
N GLY B 136 -10.53 -10.16 -23.98
CA GLY B 136 -10.27 -10.50 -22.61
C GLY B 136 -9.61 -9.43 -21.76
N ASN B 137 -9.40 -8.23 -22.31
CA ASN B 137 -8.82 -7.13 -21.56
C ASN B 137 -9.76 -5.93 -21.59
N VAL B 138 -9.58 -5.03 -20.64
CA VAL B 138 -10.35 -3.79 -20.61
C VAL B 138 -9.73 -2.79 -21.58
N ARG B 139 -10.57 -2.17 -22.41
CA ARG B 139 -10.12 -1.19 -23.39
C ARG B 139 -10.81 0.15 -23.17
N VAL B 140 -10.21 1.18 -23.74
CA VAL B 140 -10.80 2.51 -23.76
C VAL B 140 -11.91 2.50 -24.81
N SER B 141 -13.16 2.64 -24.35
CA SER B 141 -14.28 2.70 -25.28
C SER B 141 -14.37 4.07 -25.95
N ARG B 142 -14.40 5.14 -25.17
CA ARG B 142 -14.52 6.49 -25.72
C ARG B 142 -13.73 7.47 -24.86
N GLU B 143 -13.34 8.59 -25.46
CA GLU B 143 -12.80 9.73 -24.74
C GLU B 143 -13.67 10.95 -25.02
N LEU B 144 -14.27 11.50 -23.96
CA LEU B 144 -15.21 12.62 -24.07
C LEU B 144 -14.47 13.90 -23.70
N ALA B 145 -14.30 14.77 -24.69
CA ALA B 145 -13.62 16.04 -24.53
C ALA B 145 -14.58 17.19 -24.83
N GLY B 146 -14.26 18.37 -24.30
CA GLY B 146 -15.16 19.49 -24.45
C GLY B 146 -15.24 20.39 -23.24
N HIS B 147 -14.87 19.87 -22.07
CA HIS B 147 -14.73 20.73 -20.91
C HIS B 147 -13.37 21.41 -20.90
N THR B 148 -13.33 22.60 -20.32
CA THR B 148 -12.10 23.38 -20.22
C THR B 148 -11.54 23.44 -18.81
N GLY B 149 -12.29 22.99 -17.82
CA GLY B 149 -11.78 22.78 -16.48
C GLY B 149 -11.89 21.34 -16.05
N TYR B 150 -11.29 21.03 -14.91
CA TYR B 150 -11.14 19.65 -14.47
C TYR B 150 -12.49 18.98 -14.30
N LEU B 151 -12.49 17.66 -14.48
CA LEU B 151 -13.70 16.86 -14.38
C LEU B 151 -13.89 16.45 -12.92
N SER B 152 -14.99 16.87 -12.31
CA SER B 152 -15.19 16.64 -10.89
C SER B 152 -16.12 15.48 -10.57
N CYS B 153 -17.08 15.17 -11.44
CA CYS B 153 -18.00 14.06 -11.20
C CYS B 153 -18.61 13.62 -12.52
N CYS B 154 -18.88 12.32 -12.64
CA CYS B 154 -19.53 11.74 -13.79
C CYS B 154 -20.49 10.66 -13.33
N ARG B 155 -21.62 10.51 -14.01
CA ARG B 155 -22.62 9.52 -13.67
C ARG B 155 -23.34 9.04 -14.93
N PHE B 156 -23.46 7.72 -15.08
CA PHE B 156 -24.15 7.12 -16.21
C PHE B 156 -25.66 7.22 -16.05
N LEU B 157 -26.35 7.49 -17.16
CA LEU B 157 -27.79 7.25 -17.25
C LEU B 157 -28.11 5.89 -17.83
N ASP B 158 -27.40 5.51 -18.88
CA ASP B 158 -27.45 4.17 -19.45
C ASP B 158 -26.09 3.92 -20.09
N ASP B 159 -26.02 2.89 -20.93
CA ASP B 159 -24.75 2.59 -21.59
C ASP B 159 -24.36 3.66 -22.61
N ASN B 160 -25.30 4.49 -23.05
CA ASN B 160 -25.03 5.45 -24.12
C ASN B 160 -25.06 6.90 -23.67
N GLN B 161 -25.62 7.20 -22.49
CA GLN B 161 -25.69 8.57 -22.01
C GLN B 161 -24.93 8.70 -20.71
N ILE B 162 -24.16 9.78 -20.56
CA ILE B 162 -23.48 10.05 -19.29
C ILE B 162 -23.51 11.55 -19.01
N VAL B 163 -23.57 11.91 -17.73
CA VAL B 163 -23.57 13.29 -17.28
C VAL B 163 -22.27 13.57 -16.54
N THR B 164 -21.63 14.69 -16.86
CA THR B 164 -20.41 15.12 -16.20
C THR B 164 -20.54 16.55 -15.70
N SER B 165 -19.77 16.86 -14.65
CA SER B 165 -19.66 18.21 -14.12
C SER B 165 -18.19 18.59 -14.03
N SER B 166 -17.92 19.89 -14.15
CA SER B 166 -16.55 20.35 -14.36
C SER B 166 -16.30 21.62 -13.56
N GLY B 167 -15.03 22.04 -13.56
CA GLY B 167 -14.55 23.33 -13.13
C GLY B 167 -14.77 24.44 -14.15
N ASP B 168 -15.47 24.13 -15.24
CA ASP B 168 -15.94 25.12 -16.19
C ASP B 168 -17.06 25.99 -15.65
N THR B 169 -17.67 25.60 -14.54
CA THR B 169 -18.91 26.09 -13.95
C THR B 169 -20.11 25.51 -14.70
N THR B 170 -19.92 24.53 -15.57
CA THR B 170 -20.99 23.94 -16.36
C THR B 170 -21.09 22.44 -16.12
N CYS B 171 -22.22 21.87 -16.52
CA CYS B 171 -22.41 20.43 -16.63
C CYS B 171 -22.69 20.08 -18.08
N ALA B 172 -22.50 18.81 -18.43
CA ALA B 172 -22.71 18.38 -19.80
C ALA B 172 -23.31 16.97 -19.82
N LEU B 173 -24.29 16.79 -20.68
CA LEU B 173 -24.89 15.48 -20.96
C LEU B 173 -24.41 15.03 -22.33
N TRP B 174 -23.82 13.82 -22.38
CA TRP B 174 -23.15 13.28 -23.54
C TRP B 174 -23.83 12.01 -24.04
N ASP B 175 -23.84 11.88 -25.36
CA ASP B 175 -24.13 10.64 -26.06
C ASP B 175 -22.81 9.94 -26.34
N ILE B 176 -22.61 8.77 -25.73
CA ILE B 176 -21.30 8.12 -25.76
C ILE B 176 -20.96 7.63 -27.17
N GLU B 177 -21.94 7.15 -27.93
CA GLU B 177 -21.66 6.58 -29.24
C GLU B 177 -21.00 7.58 -30.18
N THR B 178 -21.49 8.81 -30.23
CA THR B 178 -20.96 9.81 -31.16
C THR B 178 -19.82 10.63 -30.57
N GLY B 179 -19.66 10.64 -29.25
CA GLY B 179 -18.64 11.44 -28.61
C GLY B 179 -18.96 12.90 -28.50
N GLN B 180 -20.18 13.30 -28.82
CA GLN B 180 -20.58 14.70 -28.89
C GLN B 180 -21.36 15.11 -27.65
N GLN B 181 -21.24 16.37 -27.30
CA GLN B 181 -21.93 16.91 -26.15
C GLN B 181 -23.36 17.27 -26.53
N THR B 182 -24.33 16.53 -25.99
CA THR B 182 -25.72 16.69 -26.36
C THR B 182 -26.42 17.85 -25.67
N THR B 183 -26.16 18.06 -24.38
CA THR B 183 -26.76 19.19 -23.68
C THR B 183 -25.70 19.82 -22.80
N THR B 184 -25.77 21.14 -22.64
CA THR B 184 -24.91 21.87 -21.73
C THR B 184 -25.76 22.61 -20.72
N PHE B 185 -25.42 22.46 -19.44
CA PHE B 185 -26.15 23.05 -18.32
C PHE B 185 -25.30 24.17 -17.75
N THR B 186 -25.78 25.41 -17.89
CA THR B 186 -25.07 26.59 -17.45
C THR B 186 -25.93 27.39 -16.48
N GLY B 187 -25.26 28.15 -15.62
CA GLY B 187 -25.96 28.93 -14.62
C GLY B 187 -25.21 29.03 -13.30
N HIS B 188 -24.28 28.14 -13.06
CA HIS B 188 -23.40 28.27 -11.91
C HIS B 188 -22.33 29.31 -12.18
N THR B 189 -21.86 29.93 -11.10
CA THR B 189 -20.80 30.93 -11.20
C THR B 189 -19.46 30.45 -10.68
N GLY B 190 -19.44 29.45 -9.79
CA GLY B 190 -18.22 28.82 -9.37
C GLY B 190 -18.13 27.37 -9.85
N ASP B 191 -17.04 26.71 -9.47
CA ASP B 191 -16.78 25.35 -9.92
C ASP B 191 -17.86 24.40 -9.40
N VAL B 192 -18.33 23.52 -10.27
CA VAL B 192 -19.29 22.49 -9.88
C VAL B 192 -18.51 21.29 -9.36
N MET B 193 -18.81 20.86 -8.14
CA MET B 193 -18.00 19.84 -7.48
C MET B 193 -18.66 18.47 -7.41
N SER B 194 -19.99 18.38 -7.52
CA SER B 194 -20.66 17.12 -7.29
C SER B 194 -21.95 17.06 -8.09
N LEU B 195 -22.37 15.83 -8.39
CA LEU B 195 -23.62 15.55 -9.06
C LEU B 195 -24.34 14.43 -8.33
N SER B 196 -25.67 14.43 -8.44
CA SER B 196 -26.44 13.27 -8.05
C SER B 196 -27.66 13.17 -8.96
N LEU B 197 -27.96 11.96 -9.42
CA LEU B 197 -29.08 11.72 -10.31
C LEU B 197 -30.31 11.32 -9.50
N ALA B 198 -31.47 11.74 -9.95
CA ALA B 198 -32.71 11.30 -9.34
C ALA B 198 -32.91 9.81 -9.61
N PRO B 199 -33.60 9.11 -8.72
CA PRO B 199 -33.86 7.68 -8.96
C PRO B 199 -34.54 7.38 -10.28
N ASP B 200 -35.40 8.28 -10.77
CA ASP B 200 -36.03 8.11 -12.08
C ASP B 200 -35.18 8.67 -13.22
N THR B 201 -34.03 9.27 -12.90
CA THR B 201 -33.01 9.74 -13.85
C THR B 201 -33.49 10.87 -14.75
N ARG B 202 -34.53 11.62 -14.37
CA ARG B 202 -34.97 12.73 -15.20
C ARG B 202 -34.53 14.09 -14.65
N LEU B 203 -33.86 14.13 -13.50
CA LEU B 203 -33.37 15.39 -12.93
C LEU B 203 -31.96 15.23 -12.38
N PHE B 204 -31.25 16.35 -12.32
CA PHE B 204 -29.96 16.45 -11.64
C PHE B 204 -30.11 17.34 -10.43
N VAL B 205 -29.27 17.13 -9.44
CA VAL B 205 -28.86 18.19 -8.53
C VAL B 205 -27.34 18.32 -8.65
N SER B 206 -26.88 19.56 -8.76
CA SER B 206 -25.45 19.83 -8.77
C SER B 206 -25.12 20.92 -7.77
N GLY B 207 -24.05 20.71 -7.01
CA GLY B 207 -23.60 21.68 -6.03
C GLY B 207 -22.28 22.29 -6.47
N ALA B 208 -22.12 23.58 -6.21
CA ALA B 208 -20.98 24.31 -6.76
C ALA B 208 -20.25 25.07 -5.66
N CYS B 209 -19.12 25.67 -6.04
CA CYS B 209 -18.27 26.51 -5.20
C CYS B 209 -18.84 27.88 -4.96
N ASP B 210 -19.99 28.23 -5.54
CA ASP B 210 -20.68 29.46 -5.22
C ASP B 210 -21.66 29.28 -4.07
N ALA B 211 -21.51 28.18 -3.32
CA ALA B 211 -22.40 27.84 -2.20
C ALA B 211 -23.86 27.73 -2.64
N SER B 212 -24.07 27.15 -3.81
CA SER B 212 -25.44 26.94 -4.29
C SER B 212 -25.57 25.57 -4.93
N ALA B 213 -26.80 25.07 -4.87
CA ALA B 213 -27.18 23.82 -5.52
C ALA B 213 -28.28 24.12 -6.53
N LYS B 214 -28.26 23.39 -7.64
CA LYS B 214 -29.24 23.61 -8.69
C LYS B 214 -29.92 22.36 -9.23
N LEU B 215 -31.23 22.30 -9.16
CA LEU B 215 -32.03 21.22 -9.75
C LEU B 215 -32.24 21.48 -11.23
N TRP B 216 -31.79 20.53 -12.05
CA TRP B 216 -31.78 20.58 -13.50
C TRP B 216 -32.73 19.56 -14.09
N ASP B 217 -33.33 19.91 -15.23
CA ASP B 217 -34.11 18.96 -16.03
C ASP B 217 -33.25 18.43 -17.16
N VAL B 218 -33.08 17.12 -17.23
CA VAL B 218 -32.17 16.52 -18.19
C VAL B 218 -32.69 16.71 -19.62
N ARG B 219 -33.99 16.53 -19.81
CA ARG B 219 -34.56 16.50 -21.15
C ARG B 219 -34.67 17.89 -21.76
N GLU B 220 -34.87 18.93 -20.94
CA GLU B 220 -34.99 20.28 -21.46
C GLU B 220 -33.68 21.06 -21.40
N GLY B 221 -32.78 20.72 -20.49
CA GLY B 221 -31.52 21.41 -20.40
C GLY B 221 -31.56 22.74 -19.71
N MET B 222 -32.58 22.99 -18.89
CA MET B 222 -32.76 24.26 -18.20
C MET B 222 -32.86 24.01 -16.71
N CYS B 223 -32.47 25.03 -15.93
CA CYS B 223 -32.41 24.93 -14.47
C CYS B 223 -33.81 25.08 -13.90
N ARG B 224 -34.27 24.06 -13.18
CA ARG B 224 -35.58 24.15 -12.54
C ARG B 224 -35.54 24.96 -11.26
N GLN B 225 -34.58 24.69 -10.38
CA GLN B 225 -34.60 25.37 -9.08
C GLN B 225 -33.19 25.66 -8.60
N THR B 226 -33.05 26.65 -7.73
CA THR B 226 -31.78 27.00 -7.10
C THR B 226 -31.97 27.05 -5.59
N PHE B 227 -31.01 26.49 -4.86
CA PHE B 227 -31.02 26.40 -3.41
C PHE B 227 -29.75 27.00 -2.85
N THR B 228 -29.88 27.84 -1.84
CA THR B 228 -28.75 28.46 -1.15
C THR B 228 -28.90 28.28 0.34
N GLY B 229 -27.87 28.67 1.08
CA GLY B 229 -27.87 28.55 2.52
C GLY B 229 -26.54 28.18 3.13
N HIS B 230 -25.66 27.51 2.38
CA HIS B 230 -24.32 27.26 2.88
C HIS B 230 -23.49 28.53 2.80
N GLU B 231 -22.50 28.62 3.68
CA GLU B 231 -21.58 29.76 3.67
C GLU B 231 -20.29 29.49 2.90
N SER B 232 -20.09 28.28 2.37
CA SER B 232 -18.87 27.98 1.64
C SER B 232 -19.17 26.96 0.56
N ASP B 233 -18.11 26.43 -0.04
CA ASP B 233 -18.24 25.56 -1.20
C ASP B 233 -18.94 24.26 -0.84
N ILE B 234 -19.86 23.83 -1.68
CA ILE B 234 -20.54 22.54 -1.52
C ILE B 234 -19.72 21.48 -2.22
N ASN B 235 -19.27 20.48 -1.46
CA ASN B 235 -18.38 19.44 -1.96
C ASN B 235 -19.09 18.14 -2.30
N ALA B 236 -20.30 17.93 -1.78
CA ALA B 236 -20.98 16.65 -1.88
C ALA B 236 -22.47 16.88 -1.90
N ILE B 237 -23.19 16.03 -2.61
CA ILE B 237 -24.64 16.15 -2.73
C ILE B 237 -25.21 14.78 -3.06
N CYS B 238 -26.40 14.49 -2.53
CA CYS B 238 -27.00 13.17 -2.67
C CYS B 238 -28.51 13.30 -2.57
N PHE B 239 -29.21 12.49 -3.37
CA PHE B 239 -30.66 12.46 -3.37
C PHE B 239 -31.21 11.58 -2.26
N PHE B 240 -32.31 12.01 -1.67
CA PHE B 240 -33.11 11.16 -0.82
C PHE B 240 -33.66 10.00 -1.65
N PRO B 241 -33.84 8.82 -1.05
CA PRO B 241 -34.24 7.63 -1.85
C PRO B 241 -35.51 7.79 -2.64
N ASN B 242 -36.45 8.64 -2.25
CA ASN B 242 -37.67 8.82 -3.01
C ASN B 242 -37.60 9.92 -4.06
N GLY B 243 -36.49 10.67 -4.11
CA GLY B 243 -36.30 11.69 -5.11
C GLY B 243 -36.92 13.03 -4.83
N ASN B 244 -37.52 13.23 -3.65
CA ASN B 244 -38.17 14.49 -3.31
C ASN B 244 -37.33 15.36 -2.39
N ALA B 245 -36.10 14.98 -2.10
CA ALA B 245 -35.22 15.76 -1.25
C ALA B 245 -33.78 15.43 -1.60
N PHE B 246 -32.87 16.32 -1.22
CA PHE B 246 -31.46 16.02 -1.36
C PHE B 246 -30.66 16.65 -0.22
N ALA B 247 -29.52 16.06 0.08
CA ALA B 247 -28.64 16.54 1.14
C ALA B 247 -27.32 17.03 0.55
N THR B 248 -26.80 18.10 1.12
CA THR B 248 -25.54 18.68 0.64
C THR B 248 -24.50 18.75 1.75
N GLY B 249 -23.23 18.57 1.41
CA GLY B 249 -22.16 18.65 2.38
C GLY B 249 -21.18 19.73 2.02
N SER B 250 -20.69 20.48 3.00
CA SER B 250 -19.84 21.62 2.69
C SER B 250 -18.60 21.87 3.53
N ASP B 251 -17.76 22.80 3.07
CA ASP B 251 -16.57 23.19 3.82
C ASP B 251 -16.86 23.89 5.15
N ASP B 252 -18.07 24.42 5.31
CA ASP B 252 -18.46 25.10 6.53
C ASP B 252 -18.85 24.12 7.62
N ALA B 253 -18.70 22.81 7.36
CA ALA B 253 -18.97 21.76 8.36
C ALA B 253 -20.41 21.39 8.61
N THR B 254 -21.30 21.79 7.71
CA THR B 254 -22.71 21.51 7.90
C THR B 254 -23.32 20.72 6.78
N CYS B 255 -24.22 19.80 7.11
CA CYS B 255 -24.94 19.08 6.07
C CYS B 255 -26.28 19.74 6.11
N ARG B 256 -26.96 19.80 4.98
CA ARG B 256 -28.25 20.45 4.90
C ARG B 256 -29.20 19.60 4.08
N LEU B 257 -30.46 19.56 4.49
CA LEU B 257 -31.51 18.86 3.76
C LEU B 257 -32.41 19.87 3.05
N PHE B 258 -32.55 19.72 1.74
CA PHE B 258 -33.40 20.59 0.94
C PHE B 258 -34.53 19.77 0.33
N ASP B 259 -35.74 20.33 0.33
CA ASP B 259 -36.92 19.68 -0.20
C ASP B 259 -37.26 20.32 -1.54
N LEU B 260 -37.47 19.48 -2.56
CA LEU B 260 -37.73 20.01 -3.90
C LEU B 260 -39.10 20.69 -3.98
N ARG B 261 -40.13 20.07 -3.43
CA ARG B 261 -41.48 20.60 -3.59
C ARG B 261 -41.68 21.87 -2.80
N ALA B 262 -41.18 21.93 -1.57
CA ALA B 262 -41.25 23.13 -0.76
C ALA B 262 -40.19 24.15 -1.11
N ASP B 263 -39.16 23.75 -1.88
CA ASP B 263 -38.13 24.65 -2.38
C ASP B 263 -37.43 25.39 -1.25
N GLN B 264 -37.11 24.67 -0.17
CA GLN B 264 -36.53 25.31 1.00
C GLN B 264 -35.45 24.40 1.58
N GLU B 265 -34.96 24.78 2.75
CA GLU B 265 -34.03 24.00 3.55
C GLU B 265 -34.78 23.48 4.77
N LEU B 266 -34.68 22.18 5.02
CA LEU B 266 -35.48 21.57 6.08
C LEU B 266 -34.70 21.36 7.37
N MET B 267 -33.44 20.94 7.30
CA MET B 267 -32.73 20.48 8.49
C MET B 267 -31.25 20.74 8.30
N THR B 268 -30.55 20.99 9.40
CA THR B 268 -29.11 21.24 9.41
C THR B 268 -28.44 20.26 10.36
N TYR B 269 -27.35 19.64 9.89
CA TYR B 269 -26.59 18.65 10.65
C TYR B 269 -25.21 19.22 10.93
N SER B 270 -24.98 19.59 12.19
CA SER B 270 -23.74 20.25 12.59
C SER B 270 -23.49 19.96 14.07
N HIS B 271 -22.22 20.09 14.46
CA HIS B 271 -21.82 19.91 15.84
C HIS B 271 -20.73 20.93 16.18
N ASP B 272 -20.67 21.30 17.46
CA ASP B 272 -19.67 22.27 17.90
C ASP B 272 -18.26 21.71 17.80
N ASN B 273 -18.11 20.39 17.96
CA ASN B 273 -16.81 19.75 17.89
C ASN B 273 -16.36 19.46 16.47
N ILE B 274 -17.17 19.79 15.48
CA ILE B 274 -16.86 19.53 14.07
C ILE B 274 -16.57 20.88 13.42
N ILE B 275 -15.33 21.07 12.97
CA ILE B 275 -14.92 22.34 12.40
C ILE B 275 -14.27 22.13 11.04
N CYS B 276 -14.28 20.88 10.56
CA CYS B 276 -13.65 20.54 9.29
C CYS B 276 -14.71 20.44 8.19
N GLY B 277 -14.23 20.45 6.95
CA GLY B 277 -15.13 20.31 5.83
C GLY B 277 -15.64 18.89 5.66
N ILE B 278 -16.73 18.78 4.92
CA ILE B 278 -17.35 17.50 4.61
C ILE B 278 -16.98 17.12 3.18
N THR B 279 -16.45 15.91 3.01
CA THR B 279 -16.00 15.45 1.69
C THR B 279 -17.06 14.67 0.94
N SER B 280 -18.01 14.03 1.62
CA SER B 280 -18.96 13.14 0.95
C SER B 280 -20.16 12.89 1.84
N VAL B 281 -21.31 12.65 1.21
CA VAL B 281 -22.54 12.32 1.91
C VAL B 281 -23.21 11.15 1.21
N SER B 282 -24.05 10.42 1.93
CA SER B 282 -24.88 9.37 1.35
C SER B 282 -25.96 8.99 2.34
N PHE B 283 -27.04 8.45 1.81
CA PHE B 283 -28.17 7.99 2.62
C PHE B 283 -28.18 6.47 2.68
N SER B 284 -28.91 5.94 3.66
CA SER B 284 -29.21 4.52 3.66
C SER B 284 -30.46 4.26 2.81
N LYS B 285 -30.87 3.00 2.73
CA LYS B 285 -32.00 2.63 1.86
C LYS B 285 -33.28 3.35 2.27
N SER B 286 -33.60 3.35 3.55
CA SER B 286 -34.82 4.01 4.00
C SER B 286 -34.70 5.51 4.02
N GLY B 287 -33.49 6.05 3.90
CA GLY B 287 -33.27 7.47 4.00
C GLY B 287 -33.21 8.01 5.42
N ARG B 288 -33.28 7.15 6.42
CA ARG B 288 -33.31 7.61 7.81
C ARG B 288 -31.92 8.00 8.31
N LEU B 289 -30.87 7.37 7.80
CA LEU B 289 -29.53 7.68 8.24
C LEU B 289 -28.79 8.44 7.14
N LEU B 290 -28.10 9.50 7.54
CA LEU B 290 -27.28 10.29 6.63
C LEU B 290 -25.82 10.11 7.03
N LEU B 291 -25.03 9.52 6.14
CA LEU B 291 -23.64 9.24 6.41
C LEU B 291 -22.76 10.26 5.70
N ALA B 292 -21.84 10.88 6.44
CA ALA B 292 -21.00 11.92 5.88
C ALA B 292 -19.55 11.68 6.28
N GLY B 293 -18.64 11.81 5.32
CA GLY B 293 -17.21 11.70 5.59
C GLY B 293 -16.60 13.07 5.81
N TYR B 294 -15.62 13.14 6.70
CA TYR B 294 -15.08 14.41 7.15
C TYR B 294 -13.58 14.47 6.94
N ASP B 295 -13.02 15.65 7.19
CA ASP B 295 -11.58 15.84 7.29
C ASP B 295 -11.03 15.43 8.65
N ASP B 296 -11.89 15.19 9.65
CA ASP B 296 -11.47 14.67 10.95
C ASP B 296 -10.98 13.24 10.87
N PHE B 297 -10.83 12.71 9.66
CA PHE B 297 -10.29 11.39 9.38
C PHE B 297 -11.32 10.30 9.62
N ASN B 298 -12.62 10.65 9.67
CA ASN B 298 -13.62 9.65 10.01
C ASN B 298 -14.95 9.98 9.34
N CYS B 299 -15.98 9.24 9.72
CA CYS B 299 -17.30 9.32 9.13
C CYS B 299 -18.33 9.44 10.24
N ASN B 300 -19.35 10.26 10.03
CA ASN B 300 -20.41 10.42 11.01
C ASN B 300 -21.73 9.91 10.44
N VAL B 301 -22.53 9.31 11.31
CA VAL B 301 -23.85 8.82 10.97
C VAL B 301 -24.87 9.67 11.73
N TRP B 302 -25.66 10.44 10.99
CA TRP B 302 -26.67 11.34 11.51
C TRP B 302 -28.05 10.74 11.36
N ASP B 303 -28.90 11.00 12.34
CA ASP B 303 -30.32 10.67 12.22
C ASP B 303 -30.97 11.76 11.38
N ALA B 304 -31.33 11.41 10.14
CA ALA B 304 -31.73 12.43 9.18
C ALA B 304 -33.03 13.13 9.54
N LEU B 305 -33.81 12.57 10.47
CA LEU B 305 -35.06 13.19 10.88
C LEU B 305 -34.94 13.95 12.19
N LYS B 306 -34.00 13.56 13.06
CA LYS B 306 -33.71 14.26 14.30
C LYS B 306 -32.53 15.21 14.20
N ALA B 307 -31.66 15.03 13.20
CA ALA B 307 -30.40 15.74 13.07
C ALA B 307 -29.43 15.43 14.21
N ASP B 308 -29.68 14.36 14.95
CA ASP B 308 -28.79 13.93 16.01
C ASP B 308 -27.69 13.04 15.46
N ARG B 309 -26.54 13.08 16.11
CA ARG B 309 -25.46 12.18 15.75
C ARG B 309 -25.74 10.79 16.29
N ALA B 310 -25.85 9.81 15.41
CA ALA B 310 -26.19 8.47 15.81
C ALA B 310 -24.98 7.54 15.88
N GLY B 311 -23.92 7.82 15.13
CA GLY B 311 -22.78 6.92 15.18
C GLY B 311 -21.55 7.54 14.55
N VAL B 312 -20.44 6.81 14.68
CA VAL B 312 -19.15 7.22 14.14
C VAL B 312 -18.47 6.01 13.51
N LEU B 313 -17.87 6.20 12.35
CA LEU B 313 -16.99 5.22 11.72
C LEU B 313 -15.57 5.77 11.77
N ALA B 314 -14.77 5.20 12.67
CA ALA B 314 -13.37 5.54 12.80
C ALA B 314 -12.53 4.32 12.42
N GLY B 315 -11.34 4.59 11.90
CA GLY B 315 -10.54 3.52 11.35
C GLY B 315 -9.70 3.95 10.17
N HIS B 316 -9.83 5.20 9.76
CA HIS B 316 -8.99 5.73 8.70
C HIS B 316 -7.97 6.69 9.29
N ASP B 317 -6.72 6.55 8.85
CA ASP B 317 -5.63 7.37 9.34
C ASP B 317 -5.46 8.67 8.57
N ASN B 318 -6.36 8.94 7.63
CA ASN B 318 -6.30 10.16 6.84
C ASN B 318 -7.71 10.54 6.42
N ARG B 319 -7.79 11.59 5.61
CA ARG B 319 -9.07 12.17 5.23
C ARG B 319 -9.96 11.15 4.54
N VAL B 320 -11.19 11.00 5.04
CA VAL B 320 -12.19 10.17 4.38
C VAL B 320 -12.65 10.90 3.13
N SER B 321 -12.28 10.38 1.96
CA SER B 321 -12.54 11.07 0.70
C SER B 321 -13.80 10.62 0.00
N CYS B 322 -14.23 9.38 0.19
CA CYS B 322 -15.33 8.87 -0.62
C CYS B 322 -16.15 7.86 0.16
N LEU B 323 -17.46 7.90 -0.07
CA LEU B 323 -18.43 7.02 0.56
C LEU B 323 -19.29 6.32 -0.48
N GLY B 324 -19.90 5.22 -0.06
CA GLY B 324 -20.93 4.59 -0.86
C GLY B 324 -21.79 3.67 -0.02
N VAL B 325 -23.07 3.58 -0.38
CA VAL B 325 -23.98 2.59 0.18
C VAL B 325 -24.50 1.73 -0.98
N THR B 326 -24.59 0.43 -0.75
CA THR B 326 -25.08 -0.49 -1.76
C THR B 326 -26.55 -0.28 -2.03
N ASP B 327 -27.02 -0.70 -3.20
CA ASP B 327 -28.41 -0.49 -3.59
C ASP B 327 -29.38 -1.28 -2.71
N ASP B 328 -28.93 -2.37 -2.11
CA ASP B 328 -29.76 -3.12 -1.18
C ASP B 328 -29.48 -2.77 0.27
N GLY B 329 -28.52 -1.89 0.53
CA GLY B 329 -28.32 -1.34 1.86
C GLY B 329 -27.61 -2.23 2.85
N MET B 330 -26.94 -3.29 2.41
CA MET B 330 -26.23 -4.16 3.34
C MET B 330 -24.98 -3.50 3.92
N ALA B 331 -24.23 -2.76 3.12
CA ALA B 331 -22.89 -2.36 3.54
C ALA B 331 -22.62 -0.92 3.18
N VAL B 332 -21.61 -0.36 3.82
CA VAL B 332 -21.08 0.96 3.48
C VAL B 332 -19.63 0.76 3.07
N ALA B 333 -19.17 1.52 2.10
CA ALA B 333 -17.77 1.51 1.74
C ALA B 333 -17.20 2.92 1.92
N THR B 334 -16.03 2.98 2.54
CA THR B 334 -15.33 4.24 2.75
C THR B 334 -13.93 4.12 2.18
N GLY B 335 -13.49 5.20 1.54
CA GLY B 335 -12.14 5.28 1.03
C GLY B 335 -11.51 6.60 1.41
N SER B 336 -10.21 6.55 1.66
CA SER B 336 -9.52 7.68 2.28
C SER B 336 -8.18 7.92 1.60
N TRP B 337 -7.46 8.92 2.09
CA TRP B 337 -6.15 9.27 1.59
C TRP B 337 -5.05 8.36 2.12
N ASP B 338 -5.37 7.46 3.05
CA ASP B 338 -4.41 6.47 3.52
C ASP B 338 -4.34 5.24 2.62
N SER B 339 -5.02 5.28 1.47
CA SER B 339 -4.97 4.25 0.41
C SER B 339 -5.71 2.98 0.78
N PHE B 340 -6.77 3.07 1.57
CA PHE B 340 -7.51 1.89 1.99
C PHE B 340 -9.00 2.07 1.77
N LEU B 341 -9.66 0.96 1.51
CA LEU B 341 -11.11 0.90 1.43
C LEU B 341 -11.62 -0.03 2.52
N LYS B 342 -12.71 0.37 3.15
CA LYS B 342 -13.28 -0.42 4.22
C LYS B 342 -14.78 -0.63 4.07
N ILE B 343 -15.24 -1.85 4.23
CA ILE B 343 -16.65 -2.21 4.15
C ILE B 343 -17.16 -2.33 5.58
N TRP B 344 -18.32 -1.73 5.84
CA TRP B 344 -18.88 -1.65 7.18
C TRP B 344 -20.28 -2.22 7.20
N ASN B 345 -20.57 -3.03 8.23
CA ASN B 345 -21.93 -3.50 8.54
C ASN B 345 -22.31 -3.27 9.99
N ASN C 5 -21.36 48.35 -22.67
CA ASN C 5 -21.17 47.02 -23.25
C ASN C 5 -22.41 46.12 -23.19
N THR C 6 -22.89 45.73 -24.38
CA THR C 6 -24.14 45.00 -24.49
C THR C 6 -24.09 43.65 -23.79
N ALA C 7 -22.88 43.11 -23.58
CA ALA C 7 -22.77 41.83 -22.91
C ALA C 7 -23.32 41.88 -21.49
N SER C 8 -23.06 42.97 -20.77
CA SER C 8 -23.58 43.09 -19.42
C SER C 8 -25.11 43.10 -19.40
N ILE C 9 -25.72 43.84 -20.33
CA ILE C 9 -27.18 43.86 -20.39
C ILE C 9 -27.73 42.50 -20.78
N ALA C 10 -27.05 41.80 -21.69
CA ALA C 10 -27.51 40.46 -22.07
C ALA C 10 -27.46 39.50 -20.90
N GLN C 11 -26.36 39.53 -20.14
CA GLN C 11 -26.24 38.67 -18.96
C GLN C 11 -27.30 39.02 -17.93
N ALA C 12 -27.53 40.32 -17.71
CA ALA C 12 -28.57 40.73 -16.78
C ALA C 12 -29.94 40.26 -17.23
N ARG C 13 -30.23 40.35 -18.53
CA ARG C 13 -31.51 39.83 -18.99
C ARG C 13 -31.63 38.35 -18.70
N LYS C 14 -30.64 37.55 -19.15
CA LYS C 14 -30.71 36.11 -18.95
C LYS C 14 -30.96 35.78 -17.49
N LEU C 15 -30.31 36.51 -16.58
CA LEU C 15 -30.60 36.33 -15.17
C LEU C 15 -32.05 36.68 -14.84
N VAL C 16 -32.59 37.73 -15.47
CA VAL C 16 -33.96 38.15 -15.17
C VAL C 16 -34.95 37.07 -15.57
N GLU C 17 -34.84 36.53 -16.79
CA GLU C 17 -35.76 35.45 -17.16
C GLU C 17 -35.53 34.19 -16.32
N GLN C 18 -34.29 33.89 -15.95
CA GLN C 18 -34.07 32.74 -15.09
C GLN C 18 -34.81 32.90 -13.77
N LEU C 19 -34.73 34.09 -13.16
CA LEU C 19 -35.49 34.33 -11.94
C LEU C 19 -36.99 34.35 -12.20
N LYS C 20 -37.40 34.72 -13.40
CA LYS C 20 -38.81 34.72 -13.74
C LYS C 20 -39.36 33.30 -13.75
N MET C 21 -38.67 32.38 -14.41
CA MET C 21 -39.11 30.98 -14.38
C MET C 21 -38.96 30.38 -12.99
N GLU C 22 -37.96 30.80 -12.22
CA GLU C 22 -37.83 30.25 -10.87
C GLU C 22 -38.91 30.79 -9.93
N ALA C 23 -39.46 31.97 -10.21
CA ALA C 23 -40.46 32.54 -9.32
C ALA C 23 -41.81 31.87 -9.48
N ASN C 24 -42.15 31.44 -10.70
CA ASN C 24 -43.45 30.83 -10.98
C ASN C 24 -43.39 29.31 -10.80
N ILE C 25 -43.24 28.92 -9.53
CA ILE C 25 -43.16 27.51 -9.14
C ILE C 25 -44.22 27.26 -8.08
N ASP C 26 -44.99 26.18 -8.25
CA ASP C 26 -46.00 25.80 -7.27
C ASP C 26 -45.32 25.12 -6.09
N ARG C 27 -45.39 25.74 -4.92
CA ARG C 27 -44.76 25.23 -3.71
C ARG C 27 -45.81 24.70 -2.76
N ILE C 28 -45.41 23.69 -1.97
CA ILE C 28 -46.27 23.13 -0.93
C ILE C 28 -45.69 23.52 0.42
N LYS C 29 -46.54 23.51 1.44
CA LYS C 29 -46.09 23.88 2.78
C LYS C 29 -45.09 22.85 3.29
N VAL C 30 -44.20 23.30 4.17
CA VAL C 30 -43.17 22.42 4.70
C VAL C 30 -43.79 21.36 5.60
N SER C 31 -44.91 21.68 6.25
CA SER C 31 -45.57 20.71 7.11
C SER C 31 -46.03 19.48 6.36
N LYS C 32 -46.22 19.56 5.05
CA LYS C 32 -46.60 18.41 4.26
C LYS C 32 -45.40 17.68 3.67
N ALA C 33 -44.36 18.40 3.25
CA ALA C 33 -43.15 17.74 2.78
C ALA C 33 -42.47 16.96 3.90
N ALA C 34 -42.40 17.54 5.09
CA ALA C 34 -41.83 16.82 6.23
C ALA C 34 -42.63 15.57 6.55
N ALA C 35 -43.96 15.67 6.48
CA ALA C 35 -44.80 14.51 6.70
C ALA C 35 -44.54 13.44 5.64
N ASP C 36 -44.32 13.85 4.40
CA ASP C 36 -44.05 12.88 3.34
C ASP C 36 -42.74 12.14 3.57
N LEU C 37 -41.67 12.86 3.90
CA LEU C 37 -40.40 12.18 4.18
C LEU C 37 -40.50 11.29 5.41
N MET C 38 -41.20 11.75 6.46
CA MET C 38 -41.35 10.92 7.65
C MET C 38 -42.14 9.65 7.34
N ALA C 39 -43.19 9.76 6.52
CA ALA C 39 -43.96 8.59 6.12
C ALA C 39 -43.13 7.64 5.27
N TYR C 40 -42.30 8.17 4.37
CA TYR C 40 -41.44 7.31 3.58
C TYR C 40 -40.46 6.55 4.46
N CYS C 41 -39.86 7.23 5.43
CA CYS C 41 -38.91 6.56 6.32
C CYS C 41 -39.60 5.48 7.15
N GLU C 42 -40.83 5.76 7.61
CA GLU C 42 -41.55 4.77 8.40
C GLU C 42 -41.98 3.57 7.55
N ALA C 43 -42.32 3.80 6.28
CA ALA C 43 -42.79 2.72 5.44
C ALA C 43 -41.68 1.72 5.13
N HIS C 44 -40.45 2.19 4.96
CA HIS C 44 -39.34 1.34 4.56
C HIS C 44 -38.37 1.06 5.70
N ALA C 45 -38.83 1.08 6.94
CA ALA C 45 -37.92 0.92 8.08
C ALA C 45 -37.31 -0.48 8.13
N LYS C 46 -38.13 -1.51 7.91
CA LYS C 46 -37.66 -2.89 8.06
C LYS C 46 -36.78 -3.34 6.91
N GLU C 47 -36.74 -2.61 5.81
CA GLU C 47 -35.93 -2.98 4.65
C GLU C 47 -34.53 -2.41 4.70
N ASP C 48 -34.15 -1.77 5.81
CA ASP C 48 -32.86 -1.07 5.91
C ASP C 48 -31.91 -1.89 6.75
N PRO C 49 -30.95 -2.60 6.15
CA PRO C 49 -30.01 -3.40 6.95
C PRO C 49 -29.10 -2.58 7.83
N LEU C 50 -28.86 -1.32 7.50
CA LEU C 50 -27.97 -0.47 8.29
C LEU C 50 -28.64 0.11 9.52
N LEU C 51 -29.95 0.16 9.55
CA LEU C 51 -30.72 0.66 10.68
C LEU C 51 -31.20 -0.46 11.58
N THR C 52 -31.65 -1.57 11.01
CA THR C 52 -31.99 -2.79 11.74
C THR C 52 -31.08 -3.90 11.22
N PRO C 53 -29.98 -4.18 11.90
CA PRO C 53 -29.03 -5.18 11.39
C PRO C 53 -29.67 -6.55 11.24
N VAL C 54 -29.26 -7.27 10.21
CA VAL C 54 -29.79 -8.59 9.89
C VAL C 54 -28.96 -9.65 10.61
N PRO C 55 -29.54 -10.82 10.91
CA PRO C 55 -28.78 -11.89 11.55
C PRO C 55 -27.58 -12.30 10.70
N ALA C 56 -26.53 -12.77 11.39
CA ALA C 56 -25.28 -13.09 10.72
C ALA C 56 -25.45 -14.16 9.64
N SER C 57 -26.49 -14.97 9.74
CA SER C 57 -26.75 -15.98 8.71
C SER C 57 -27.13 -15.34 7.37
N GLU C 58 -27.66 -14.12 7.39
CA GLU C 58 -28.09 -13.43 6.19
C GLU C 58 -27.15 -12.30 5.78
N ASN C 59 -25.98 -12.21 6.39
CA ASN C 59 -25.04 -11.12 6.12
C ASN C 59 -23.98 -11.63 5.16
N PRO C 60 -23.94 -11.15 3.91
CA PRO C 60 -22.92 -11.64 2.97
C PRO C 60 -21.51 -11.22 3.32
N PHE C 61 -21.33 -10.29 4.25
CA PHE C 61 -20.01 -9.83 4.66
C PHE C 61 -19.59 -10.36 6.02
N ARG C 62 -20.31 -11.35 6.55
CA ARG C 62 -20.05 -11.88 7.88
C ARG C 62 -18.61 -12.37 8.02
N HIS D 1 32.36 -14.45 33.16
CA HIS D 1 33.60 -14.52 33.92
C HIS D 1 33.32 -14.44 35.42
N PHE D 2 33.66 -15.49 36.16
CA PHE D 2 33.23 -15.63 37.54
C PHE D 2 34.43 -15.85 38.49
N ALA D 3 35.64 -15.61 38.00
CA ALA D 3 36.85 -15.68 38.82
C ALA D 3 36.98 -17.05 39.50
N ALA D 4 37.03 -18.09 38.69
CA ALA D 4 37.13 -19.45 39.21
C ALA D 4 38.48 -19.69 39.86
N ASP D 5 38.49 -20.58 40.86
CA ASP D 5 39.72 -20.95 41.54
C ASP D 5 40.63 -21.72 40.58
N CYS D 6 41.92 -21.40 40.64
CA CYS D 6 42.90 -22.01 39.75
C CYS D 6 44.26 -21.96 40.41
N CYS D 7 45.16 -22.82 39.95
CA CYS D 7 46.48 -22.96 40.58
C CYS D 7 47.49 -22.04 39.94
N THR D 8 48.45 -21.59 40.75
CA THR D 8 49.53 -20.74 40.31
C THR D 8 50.88 -21.46 40.36
N SER D 9 50.93 -22.66 40.92
CA SER D 9 52.15 -23.45 41.00
C SER D 9 51.79 -24.92 41.03
N TYR D 10 52.77 -25.76 40.70
CA TYR D 10 52.59 -27.20 40.54
C TYR D 10 53.56 -27.96 41.43
N ILE D 11 53.19 -29.21 41.71
CA ILE D 11 53.98 -30.07 42.57
C ILE D 11 55.08 -30.74 41.76
N SER D 12 56.29 -30.79 42.31
CA SER D 12 57.45 -31.29 41.57
C SER D 12 57.48 -32.80 41.46
N GLN D 13 56.89 -33.53 42.40
CA GLN D 13 56.88 -34.99 42.35
C GLN D 13 55.46 -35.50 42.17
N SER D 14 55.36 -36.76 41.74
CA SER D 14 54.06 -37.35 41.47
C SER D 14 53.20 -37.38 42.74
N ILE D 15 51.95 -36.97 42.59
CA ILE D 15 51.02 -36.93 43.72
C ILE D 15 50.53 -38.35 44.00
N PRO D 16 50.73 -38.86 45.21
CA PRO D 16 50.17 -40.18 45.54
C PRO D 16 48.64 -40.12 45.49
N CYS D 17 48.09 -40.83 44.51
CA CYS D 17 46.64 -40.78 44.30
C CYS D 17 45.86 -41.51 45.38
N SER D 18 46.55 -42.24 46.26
CA SER D 18 45.85 -42.92 47.34
C SER D 18 45.34 -41.94 48.39
N LEU D 19 46.01 -40.80 48.54
CA LEU D 19 45.63 -39.82 49.56
C LEU D 19 44.68 -38.75 48.99
N MET D 20 43.60 -39.21 48.38
CA MET D 20 42.72 -38.36 47.59
C MET D 20 41.25 -38.66 47.88
N LYS D 21 40.39 -37.67 47.59
CA LYS D 21 38.94 -37.84 47.46
C LYS D 21 38.36 -37.46 46.11
N SER D 22 38.83 -36.41 45.47
CA SER D 22 38.13 -35.89 44.29
C SER D 22 39.10 -35.13 43.39
N TYR D 23 38.61 -34.77 42.20
CA TYR D 23 39.42 -34.12 41.19
C TYR D 23 38.57 -33.07 40.45
N PHE D 24 39.25 -32.09 39.88
CA PHE D 24 38.63 -31.05 39.05
C PHE D 24 39.56 -30.69 37.90
N GLU D 25 39.01 -30.57 36.70
CA GLU D 25 39.75 -30.00 35.59
C GLU D 25 39.53 -28.50 35.56
N THR D 26 40.63 -27.74 35.64
CA THR D 26 40.54 -26.30 35.86
C THR D 26 39.84 -25.60 34.71
N SER D 27 39.10 -24.55 35.03
CA SER D 27 38.36 -23.81 34.03
C SER D 27 39.30 -23.11 33.06
N SER D 28 38.74 -22.69 31.93
CA SER D 28 39.56 -22.06 30.90
C SER D 28 39.97 -20.63 31.25
N GLU D 29 39.36 -20.02 32.27
CA GLU D 29 39.59 -18.60 32.51
C GLU D 29 41.03 -18.31 32.91
N CYS D 30 41.64 -19.14 33.76
CA CYS D 30 42.98 -18.84 34.20
C CYS D 30 43.99 -19.10 33.07
N SER D 31 45.17 -18.50 33.21
CA SER D 31 46.14 -18.48 32.13
C SER D 31 46.64 -19.89 31.80
N LYS D 32 46.92 -20.70 32.81
CA LYS D 32 47.58 -21.97 32.61
C LYS D 32 46.75 -23.11 33.21
N PRO D 33 46.74 -24.27 32.55
CA PRO D 33 45.85 -25.35 32.99
C PRO D 33 46.34 -26.05 34.25
N GLY D 34 45.41 -26.70 34.93
CA GLY D 34 45.72 -27.47 36.12
C GLY D 34 44.59 -28.44 36.42
N VAL D 35 44.81 -29.26 37.45
CA VAL D 35 43.80 -30.21 37.91
C VAL D 35 43.77 -30.14 39.43
N ILE D 36 42.69 -29.60 39.99
CA ILE D 36 42.53 -29.50 41.43
C ILE D 36 42.31 -30.89 42.04
N PHE D 37 42.88 -31.11 43.22
CA PHE D 37 42.67 -32.33 43.99
C PHE D 37 42.24 -31.99 45.41
N LEU D 38 41.55 -32.95 46.03
CA LEU D 38 41.15 -32.83 47.43
C LEU D 38 41.62 -34.07 48.19
N THR D 39 42.37 -33.85 49.26
CA THR D 39 42.95 -34.93 50.03
C THR D 39 42.06 -35.30 51.23
N LYS D 40 42.53 -36.24 52.04
CA LYS D 40 41.81 -36.64 53.24
C LYS D 40 41.69 -35.50 54.25
N LYS D 41 42.78 -34.77 54.50
CA LYS D 41 42.72 -33.70 55.49
C LYS D 41 41.97 -32.49 54.94
N GLY D 42 41.83 -32.41 53.63
CA GLY D 42 40.95 -31.44 53.01
C GLY D 42 41.61 -30.21 52.45
N ARG D 43 42.93 -30.08 52.55
CA ARG D 43 43.61 -28.95 51.93
C ARG D 43 43.90 -29.28 50.47
N GLN D 44 43.72 -28.30 49.60
CA GLN D 44 43.63 -28.57 48.18
C GLN D 44 45.01 -28.84 47.56
N VAL D 45 44.99 -29.59 46.46
CA VAL D 45 46.19 -30.10 45.80
C VAL D 45 45.98 -30.00 44.28
N CYS D 46 47.06 -29.75 43.55
CA CYS D 46 46.96 -29.73 42.09
C CYS D 46 48.32 -29.93 41.42
N ALA D 47 48.26 -30.25 40.13
CA ALA D 47 49.44 -30.46 39.29
C ALA D 47 49.02 -30.31 37.84
N LYS D 48 49.99 -30.49 36.95
CA LYS D 48 49.72 -30.38 35.52
C LYS D 48 48.78 -31.49 35.05
N PRO D 49 47.94 -31.20 34.05
CA PRO D 49 47.16 -32.29 33.44
C PRO D 49 48.04 -33.36 32.82
N SER D 50 49.20 -32.98 32.29
CA SER D 50 50.16 -33.91 31.73
C SER D 50 51.22 -34.34 32.74
N GLY D 51 50.88 -34.37 34.03
CA GLY D 51 51.84 -34.67 35.06
C GLY D 51 52.20 -36.15 35.11
N PRO D 52 52.98 -36.54 36.11
CA PRO D 52 53.43 -37.94 36.18
C PRO D 52 52.30 -38.94 36.32
N GLY D 53 51.44 -38.79 37.33
CA GLY D 53 50.43 -39.79 37.59
C GLY D 53 49.02 -39.25 37.77
N VAL D 54 48.78 -38.01 37.35
CA VAL D 54 47.45 -37.43 37.49
C VAL D 54 46.44 -38.17 36.60
N GLN D 55 46.81 -38.39 35.34
CA GLN D 55 45.97 -39.14 34.42
C GLN D 55 45.97 -40.64 34.71
N ASP D 56 46.95 -41.13 35.46
CA ASP D 56 46.99 -42.53 35.81
C ASP D 56 45.87 -42.89 36.79
N CYS D 57 45.63 -42.02 37.77
CA CYS D 57 44.66 -42.32 38.82
C CYS D 57 43.40 -41.47 38.77
N MET D 58 43.32 -40.45 37.91
CA MET D 58 42.17 -39.55 37.97
C MET D 58 40.86 -40.32 37.70
N LYS D 59 40.91 -41.35 36.85
CA LYS D 59 39.73 -42.16 36.64
C LYS D 59 39.36 -42.94 37.90
N LYS D 60 40.36 -43.32 38.70
CA LYS D 60 40.10 -44.14 39.88
C LYS D 60 39.25 -43.41 40.91
N LEU D 61 39.17 -42.08 40.83
CA LEU D 61 38.30 -41.31 41.69
C LEU D 61 36.97 -41.07 40.99
N LYS D 62 35.87 -41.35 41.69
CA LYS D 62 34.53 -41.20 41.16
C LYS D 62 33.68 -40.43 42.15
N PRO D 63 32.67 -39.69 41.68
CA PRO D 63 31.73 -39.01 42.59
C PRO D 63 30.73 -39.98 43.20
N TYR D 64 31.23 -40.93 44.00
CA TYR D 64 30.40 -41.97 44.58
C TYR D 64 31.08 -42.53 45.83
N ASP E 21 53.78 -36.90 49.26
CA ASP E 21 54.10 -35.55 49.71
C ASP E 21 53.63 -34.52 48.69
N TYR E 22 52.89 -33.51 49.16
CA TYR E 22 52.30 -32.48 48.31
C TYR E 22 52.33 -31.10 48.94
N GLY E 23 53.09 -30.92 50.02
CA GLY E 23 53.09 -29.64 50.72
C GLY E 23 54.00 -28.59 50.13
N ASP E 24 53.90 -28.36 48.82
CA ASP E 24 54.72 -27.33 48.18
C ASP E 24 53.91 -26.37 47.32
N ALA E 25 52.86 -26.86 46.69
CA ALA E 25 52.02 -26.06 45.79
C ALA E 25 50.59 -26.06 46.32
N THR E 26 50.03 -24.87 46.49
CA THR E 26 48.68 -24.70 46.98
C THR E 26 47.98 -23.59 46.19
N PRO E 27 46.78 -23.84 45.70
CA PRO E 27 46.05 -22.80 44.96
C PRO E 27 45.49 -21.74 45.90
N CYS E 28 45.42 -20.51 45.38
CA CYS E 28 44.83 -19.42 46.13
C CYS E 28 43.33 -19.38 45.88
N GLN E 29 42.55 -19.13 46.92
CA GLN E 29 41.09 -19.18 46.85
C GLN E 29 40.57 -17.79 46.54
N LYS E 30 39.93 -17.64 45.39
CA LYS E 30 39.29 -16.37 45.03
C LYS E 30 37.87 -16.28 45.57
N VAL E 31 37.72 -16.56 46.87
CA VAL E 31 36.39 -16.49 47.48
C VAL E 31 36.03 -15.05 47.82
N ASN E 32 37.02 -14.24 48.19
CA ASN E 32 36.76 -12.83 48.48
C ASN E 32 36.25 -12.11 47.25
N GLU E 33 36.87 -12.35 46.09
CA GLU E 33 36.45 -11.67 44.88
C GLU E 33 35.07 -12.13 44.42
N ARG E 34 34.78 -13.43 44.55
CA ARG E 34 33.44 -13.91 44.21
C ARG E 34 32.40 -13.29 45.13
N ALA E 35 32.69 -13.21 46.43
CA ALA E 35 31.76 -12.61 47.37
C ALA E 35 31.52 -11.13 47.05
N PHE E 36 32.60 -10.41 46.71
CA PHE E 36 32.44 -9.01 46.35
C PHE E 36 31.64 -8.85 45.06
N GLY E 37 31.92 -9.68 44.05
CA GLY E 37 31.21 -9.59 42.80
C GLY E 37 29.74 -9.93 42.91
N ALA E 38 29.39 -10.86 43.81
CA ALA E 38 28.00 -11.19 44.02
C ALA E 38 27.19 -10.00 44.56
N GLN E 39 27.87 -9.02 45.15
CA GLN E 39 27.20 -7.87 45.74
C GLN E 39 27.17 -6.65 44.81
N LEU E 40 27.95 -6.66 43.75
CA LEU E 40 28.07 -5.51 42.86
C LEU E 40 27.50 -5.76 41.47
N LEU E 41 27.61 -6.99 40.96
CA LEU E 41 27.21 -7.28 39.59
C LEU E 41 25.68 -7.38 39.44
N PRO E 42 24.97 -8.17 40.25
CA PRO E 42 23.51 -8.29 40.09
C PRO E 42 22.79 -6.95 40.23
N PRO E 43 23.12 -6.11 41.22
CA PRO E 43 22.38 -4.85 41.36
C PRO E 43 22.49 -3.92 40.17
N LEU E 44 23.54 -4.03 39.36
CA LEU E 44 23.60 -3.32 38.09
C LEU E 44 22.97 -4.08 36.95
N TYR E 45 23.08 -5.41 36.98
CA TYR E 45 22.47 -6.24 35.95
C TYR E 45 20.96 -6.06 35.90
N SER E 46 20.31 -5.93 37.06
CA SER E 46 18.86 -5.75 37.06
C SER E 46 18.43 -4.48 36.36
N LEU E 47 19.08 -3.36 36.65
CA LEU E 47 18.75 -2.10 35.98
C LEU E 47 19.07 -2.16 34.49
N VAL E 48 20.21 -2.74 34.13
CA VAL E 48 20.53 -2.90 32.71
C VAL E 48 19.45 -3.69 32.01
N PHE E 49 19.02 -4.80 32.62
CA PHE E 49 17.96 -5.62 32.04
C PHE E 49 16.68 -4.83 31.85
N VAL E 50 16.20 -4.17 32.90
CA VAL E 50 14.89 -3.52 32.78
C VAL E 50 14.94 -2.43 31.72
N ILE E 51 15.98 -1.58 31.76
CA ILE E 51 16.06 -0.48 30.80
C ILE E 51 16.18 -0.99 29.38
N GLY E 52 17.12 -1.93 29.13
CA GLY E 52 17.32 -2.42 27.79
C GLY E 52 16.09 -3.13 27.25
N LEU E 53 15.45 -3.96 28.08
CA LEU E 53 14.29 -4.70 27.61
C LEU E 53 13.15 -3.75 27.27
N VAL E 54 12.85 -2.78 28.14
CA VAL E 54 11.73 -1.89 27.83
C VAL E 54 12.02 -1.11 26.56
N GLY E 55 13.25 -0.58 26.42
CA GLY E 55 13.58 0.16 25.21
C GLY E 55 13.45 -0.67 23.95
N ASN E 56 13.99 -1.88 23.98
CA ASN E 56 14.01 -2.67 22.75
C ASN E 56 12.65 -3.25 22.41
N ILE E 57 11.85 -3.66 23.40
CA ILE E 57 10.50 -4.11 23.08
C ILE E 57 9.70 -2.96 22.51
N LEU E 58 9.91 -1.74 23.04
CA LEU E 58 9.21 -0.60 22.48
C LEU E 58 9.61 -0.38 21.02
N VAL E 59 10.91 -0.50 20.73
CA VAL E 59 11.37 -0.33 19.36
C VAL E 59 10.74 -1.37 18.43
N VAL E 60 10.69 -2.63 18.88
CA VAL E 60 10.11 -3.68 18.05
C VAL E 60 8.63 -3.42 17.80
N LEU E 61 7.89 -3.03 18.83
CA LEU E 61 6.46 -2.76 18.66
C LEU E 61 6.24 -1.62 17.69
N VAL E 62 7.08 -0.57 17.76
CA VAL E 62 6.92 0.54 16.83
C VAL E 62 7.24 0.12 15.40
N LEU E 63 8.34 -0.62 15.20
CA LEU E 63 8.77 -0.94 13.84
C LEU E 63 7.86 -1.96 13.17
N VAL E 64 7.28 -2.89 13.91
CA VAL E 64 6.54 -3.97 13.27
C VAL E 64 5.27 -3.42 12.59
N GLN E 65 4.66 -2.39 13.17
CA GLN E 65 3.31 -2.02 12.76
C GLN E 65 3.28 -1.33 11.40
N TYR E 66 4.25 -0.43 11.11
CA TYR E 66 4.23 0.25 9.82
C TYR E 66 4.78 -0.68 8.73
N LYS E 67 3.84 -1.39 8.10
CA LYS E 67 4.23 -2.30 7.03
C LYS E 67 4.60 -1.54 5.76
N ARG E 68 3.83 -0.51 5.41
CA ARG E 68 4.05 0.20 4.16
C ARG E 68 5.38 0.95 4.17
N LEU E 69 5.70 1.60 5.30
CA LEU E 69 6.85 2.47 5.34
C LEU E 69 8.16 1.70 5.50
N LYS E 70 8.07 0.37 5.59
CA LYS E 70 9.26 -0.47 5.72
C LYS E 70 10.29 -0.22 4.62
N ASN E 71 11.52 0.06 5.02
CA ASN E 71 12.66 0.20 4.15
C ASN E 71 13.82 -0.61 4.73
N MET E 72 14.99 -0.51 4.11
CA MET E 72 16.10 -1.35 4.52
C MET E 72 16.60 -0.96 5.91
N THR E 73 16.53 0.33 6.24
CA THR E 73 16.89 0.79 7.58
C THR E 73 15.98 0.19 8.63
N SER E 74 14.69 0.07 8.34
CA SER E 74 13.78 -0.55 9.30
C SER E 74 14.14 -2.00 9.55
N ILE E 75 14.52 -2.72 8.50
CA ILE E 75 14.93 -4.11 8.66
C ILE E 75 16.16 -4.20 9.57
N TYR E 76 17.18 -3.37 9.28
CA TYR E 76 18.40 -3.41 10.09
C TYR E 76 18.14 -3.03 11.54
N LEU E 77 17.30 -2.03 11.77
CA LEU E 77 17.02 -1.60 13.13
C LEU E 77 16.23 -2.67 13.89
N LEU E 78 15.28 -3.31 13.21
CA LEU E 78 14.54 -4.41 13.83
C LEU E 78 15.48 -5.54 14.24
N ASN E 79 16.41 -5.90 13.36
CA ASN E 79 17.34 -6.97 13.69
C ASN E 79 18.27 -6.58 14.83
N LEU E 80 18.67 -5.31 14.89
CA LEU E 80 19.47 -4.84 16.01
C LEU E 80 18.70 -4.99 17.31
N ALA E 81 17.40 -4.64 17.30
CA ALA E 81 16.59 -4.82 18.49
C ALA E 81 16.50 -6.29 18.88
N ILE E 82 16.36 -7.19 17.89
CA ILE E 82 16.30 -8.62 18.19
C ILE E 82 17.59 -9.10 18.82
N SER E 83 18.74 -8.65 18.30
CA SER E 83 20.02 -9.04 18.87
C SER E 83 20.15 -8.59 20.32
N ASP E 84 19.76 -7.34 20.60
CA ASP E 84 19.80 -6.87 21.98
C ASP E 84 18.88 -7.68 22.87
N LEU E 85 17.70 -8.05 22.37
CA LEU E 85 16.78 -8.86 23.16
C LEU E 85 17.38 -10.22 23.49
N LEU E 86 18.05 -10.85 22.52
CA LEU E 86 18.71 -12.12 22.79
C LEU E 86 19.76 -11.98 23.88
N PHE E 87 20.56 -10.93 23.82
CA PHE E 87 21.66 -10.79 24.77
C PHE E 87 21.12 -10.50 26.17
N LEU E 88 20.10 -9.64 26.26
CA LEU E 88 19.45 -9.40 27.55
C LEU E 88 18.71 -10.63 28.04
N PHE E 89 18.41 -11.59 27.17
CA PHE E 89 17.78 -12.83 27.63
C PHE E 89 18.76 -13.69 28.41
N THR E 90 20.03 -13.67 28.02
CA THR E 90 21.06 -14.41 28.76
C THR E 90 21.29 -13.83 30.15
N LEU E 91 21.00 -12.55 30.33
CA LEU E 91 21.31 -11.90 31.60
C LEU E 91 20.67 -12.45 32.88
N PRO E 92 19.38 -12.83 32.87
CA PRO E 92 18.84 -13.32 34.15
C PRO E 92 19.57 -14.56 34.65
N PHE E 93 19.94 -15.45 33.76
CA PHE E 93 20.63 -16.67 34.15
C PHE E 93 21.98 -16.32 34.77
N TRP E 94 22.70 -15.37 34.20
CA TRP E 94 23.96 -14.95 34.78
C TRP E 94 23.73 -14.28 36.11
N ILE E 95 22.72 -13.42 36.20
CA ILE E 95 22.36 -12.82 37.50
C ILE E 95 22.19 -13.92 38.54
N ASP E 96 21.44 -14.96 38.20
CA ASP E 96 21.18 -16.05 39.13
C ASP E 96 22.47 -16.75 39.54
N TYR E 97 23.34 -17.01 38.56
CA TYR E 97 24.63 -17.62 38.84
C TYR E 97 25.47 -16.77 39.79
N LYS E 98 25.46 -15.45 39.60
CA LYS E 98 26.22 -14.59 40.50
C LYS E 98 25.61 -14.59 41.90
N LEU E 99 24.28 -14.55 42.00
CA LEU E 99 23.63 -14.49 43.31
C LEU E 99 23.85 -15.75 44.11
N LYS E 100 23.52 -16.91 43.54
CA LYS E 100 23.53 -18.14 44.32
C LYS E 100 24.88 -18.83 44.34
N ASP E 101 25.88 -18.29 43.65
CA ASP E 101 27.25 -18.83 43.67
C ASP E 101 27.28 -20.29 43.21
N ASP E 102 26.31 -20.67 42.39
CA ASP E 102 26.25 -22.02 41.86
C ASP E 102 25.43 -22.02 40.59
N TRP E 103 25.65 -23.02 39.75
CA TRP E 103 24.85 -23.20 38.55
C TRP E 103 23.77 -24.25 38.83
N VAL E 104 22.52 -23.83 38.72
CA VAL E 104 21.38 -24.67 39.01
C VAL E 104 20.71 -25.18 37.74
N PHE E 105 21.44 -25.18 36.63
CA PHE E 105 20.92 -25.58 35.34
C PHE E 105 21.79 -26.71 34.76
N GLY E 106 21.40 -27.19 33.59
CA GLY E 106 22.08 -28.31 32.97
C GLY E 106 23.20 -27.88 32.06
N ASP E 107 23.95 -28.88 31.60
CA ASP E 107 25.03 -28.63 30.64
C ASP E 107 24.49 -28.08 29.33
N ALA E 108 23.38 -28.65 28.84
CA ALA E 108 22.74 -28.11 27.65
C ALA E 108 22.35 -26.65 27.86
N MET E 109 21.95 -26.29 29.07
CA MET E 109 21.61 -24.91 29.35
C MET E 109 22.85 -24.02 29.27
N CYS E 110 23.99 -24.48 29.80
CA CYS E 110 25.22 -23.70 29.67
C CYS E 110 25.56 -23.48 28.20
N LYS E 111 25.45 -24.53 27.39
CA LYS E 111 25.79 -24.40 25.97
C LYS E 111 24.84 -23.44 25.26
N ILE E 112 23.53 -23.56 25.53
CA ILE E 112 22.56 -22.69 24.88
C ILE E 112 22.80 -21.24 25.28
N LEU E 113 23.09 -20.99 26.56
CA LEU E 113 23.32 -19.62 27.00
C LEU E 113 24.61 -19.04 26.39
N SER E 114 25.67 -19.84 26.30
CA SER E 114 26.88 -19.34 25.65
C SER E 114 26.61 -19.01 24.19
N GLY E 115 25.88 -19.88 23.50
CA GLY E 115 25.54 -19.60 22.12
C GLY E 115 24.72 -18.33 21.98
N PHE E 116 23.71 -18.16 22.83
CA PHE E 116 22.88 -16.96 22.79
C PHE E 116 23.72 -15.72 23.07
N TYR E 117 24.62 -15.79 24.04
CA TYR E 117 25.44 -14.65 24.43
C TYR E 117 26.33 -14.19 23.28
N TYR E 118 27.11 -15.11 22.70
CA TYR E 118 28.01 -14.68 21.63
C TYR E 118 27.24 -14.33 20.36
N THR E 119 26.11 -14.99 20.11
CA THR E 119 25.29 -14.60 18.97
C THR E 119 24.76 -13.17 19.13
N GLY E 120 24.27 -12.84 20.32
CA GLY E 120 23.80 -11.48 20.56
C GLY E 120 24.90 -10.45 20.39
N LEU E 121 26.06 -10.73 20.97
CA LEU E 121 27.20 -9.81 20.85
C LEU E 121 27.56 -9.55 19.39
N TYR E 122 27.82 -10.63 18.64
CA TYR E 122 28.34 -10.46 17.29
C TYR E 122 27.28 -9.91 16.35
N SER E 123 26.03 -10.35 16.50
CA SER E 123 24.96 -9.83 15.65
C SER E 123 24.70 -8.36 15.94
N GLU E 124 24.77 -7.95 17.21
CA GLU E 124 24.66 -6.54 17.54
C GLU E 124 25.71 -5.72 16.79
N ILE E 125 26.97 -6.14 16.88
CA ILE E 125 28.03 -5.38 16.24
C ILE E 125 27.85 -5.34 14.74
N PHE E 126 27.50 -6.48 14.12
CA PHE E 126 27.38 -6.52 12.67
C PHE E 126 26.19 -5.69 12.19
N PHE E 127 25.10 -5.65 12.97
CA PHE E 127 23.96 -4.85 12.53
C PHE E 127 24.21 -3.36 12.74
N ILE E 128 25.02 -2.99 13.73
CA ILE E 128 25.46 -1.60 13.80
C ILE E 128 26.28 -1.25 12.56
N ILE E 129 27.15 -2.15 12.13
CA ILE E 129 27.91 -1.92 10.91
C ILE E 129 26.97 -1.76 9.70
N LEU E 130 25.94 -2.61 9.64
CA LEU E 130 25.00 -2.54 8.52
C LEU E 130 24.23 -1.22 8.53
N LEU E 131 23.81 -0.75 9.71
CA LEU E 131 23.13 0.53 9.79
C LEU E 131 24.04 1.67 9.34
N THR E 132 25.31 1.61 9.72
CA THR E 132 26.25 2.65 9.30
C THR E 132 26.43 2.66 7.79
N ILE E 133 26.56 1.48 7.17
CA ILE E 133 26.72 1.43 5.71
C ILE E 133 25.44 1.87 5.02
N ASP E 134 24.28 1.52 5.58
CA ASP E 134 23.01 2.02 5.08
C ASP E 134 22.98 3.54 5.07
N ARG E 135 23.39 4.16 6.19
CA ARG E 135 23.42 5.62 6.25
C ARG E 135 24.37 6.17 5.20
N TYR E 136 25.52 5.55 5.03
CA TYR E 136 26.49 6.03 4.05
C TYR E 136 25.90 6.01 2.64
N LEU E 137 25.24 4.91 2.27
CA LEU E 137 24.62 4.85 0.94
C LEU E 137 23.49 5.86 0.81
N ALA E 138 22.68 6.02 1.84
CA ALA E 138 21.54 6.92 1.76
C ALA E 138 21.97 8.36 1.58
N ILE E 139 23.06 8.76 2.25
CA ILE E 139 23.45 10.17 2.24
C ILE E 139 24.47 10.48 1.15
N VAL E 140 25.52 9.68 1.04
CA VAL E 140 26.62 10.05 0.15
C VAL E 140 26.29 9.65 -1.28
N HIS E 141 25.48 8.61 -1.48
CA HIS E 141 25.12 8.09 -2.80
C HIS E 141 23.60 8.07 -2.90
N ALA E 142 22.96 9.21 -2.62
CA ALA E 142 21.52 9.28 -2.51
C ALA E 142 20.83 8.85 -3.81
N VAL E 143 21.37 9.27 -4.96
CA VAL E 143 20.76 8.88 -6.23
C VAL E 143 20.93 7.38 -6.48
N PHE E 144 22.14 6.87 -6.27
CA PHE E 144 22.38 5.43 -6.44
C PHE E 144 21.58 4.61 -5.44
N ALA E 145 21.32 5.16 -4.25
CA ALA E 145 20.61 4.41 -3.23
C ALA E 145 19.16 4.16 -3.58
N LEU E 146 18.64 4.81 -4.62
CA LEU E 146 17.24 4.59 -5.00
C LEU E 146 17.03 3.16 -5.49
N ARG E 147 17.99 2.62 -6.24
CA ARG E 147 17.92 1.28 -6.78
C ARG E 147 18.54 0.22 -5.88
N ALA E 148 19.20 0.61 -4.80
CA ALA E 148 19.92 -0.33 -3.95
C ALA E 148 19.30 -0.52 -2.57
N ARG E 149 18.64 0.51 -2.03
CA ARG E 149 18.10 0.43 -0.68
C ARG E 149 16.71 -0.18 -0.71
N THR E 150 16.65 -1.45 -1.08
CA THR E 150 15.39 -2.18 -1.20
C THR E 150 15.25 -3.21 -0.10
N VAL E 151 14.00 -3.56 0.21
CA VAL E 151 13.71 -4.45 1.33
C VAL E 151 14.25 -5.85 1.06
N THR E 152 14.26 -6.28 -0.20
CA THR E 152 14.81 -7.59 -0.53
C THR E 152 16.27 -7.70 -0.12
N PHE E 153 17.09 -6.71 -0.51
CA PHE E 153 18.50 -6.74 -0.14
C PHE E 153 18.68 -6.65 1.37
N GLY E 154 17.82 -5.89 2.04
CA GLY E 154 17.86 -5.86 3.49
C GLY E 154 17.65 -7.23 4.11
N VAL E 155 16.63 -7.96 3.64
CA VAL E 155 16.36 -9.28 4.18
C VAL E 155 17.50 -10.25 3.88
N ILE E 156 18.02 -10.23 2.65
CA ILE E 156 19.12 -11.15 2.33
C ILE E 156 20.33 -10.86 3.20
N THR E 157 20.78 -9.60 3.25
CA THR E 157 21.97 -9.27 4.03
C THR E 157 21.74 -9.56 5.51
N SER E 158 20.51 -9.41 5.98
CA SER E 158 20.18 -9.85 7.34
C SER E 158 20.42 -11.35 7.52
N ILE E 159 20.02 -12.15 6.53
CA ILE E 159 20.25 -13.59 6.63
C ILE E 159 21.75 -13.90 6.68
N ILE E 160 22.55 -13.30 5.81
CA ILE E 160 23.99 -13.57 5.85
C ILE E 160 24.59 -13.13 7.19
N ILE E 161 24.15 -11.99 7.71
CA ILE E 161 24.71 -11.50 8.98
C ILE E 161 24.36 -12.43 10.12
N TRP E 162 23.12 -12.92 10.16
CA TRP E 162 22.73 -13.86 11.21
C TRP E 162 23.50 -15.17 11.08
N ALA E 163 23.72 -15.63 9.85
CA ALA E 163 24.53 -16.83 9.64
C ALA E 163 25.96 -16.61 10.16
N LEU E 164 26.54 -15.45 9.88
CA LEU E 164 27.88 -15.17 10.36
C LEU E 164 27.94 -15.11 11.88
N ALA E 165 26.92 -14.54 12.51
CA ALA E 165 26.88 -14.51 13.98
C ALA E 165 26.80 -15.91 14.55
N ILE E 166 25.95 -16.77 13.97
CA ILE E 166 25.85 -18.14 14.45
C ILE E 166 27.18 -18.87 14.26
N LEU E 167 27.83 -18.67 13.11
CA LEU E 167 29.10 -19.32 12.84
C LEU E 167 30.18 -18.85 13.82
N ALA E 168 30.18 -17.56 14.16
CA ALA E 168 31.17 -17.06 15.11
C ALA E 168 30.85 -17.48 16.54
N SER E 169 29.60 -17.86 16.82
CA SER E 169 29.25 -18.33 18.14
C SER E 169 29.53 -19.81 18.36
N MET E 170 30.04 -20.52 17.35
CA MET E 170 30.23 -21.96 17.46
C MET E 170 31.14 -22.39 18.60
N PRO E 171 32.35 -21.83 18.78
CA PRO E 171 33.22 -22.34 19.85
C PRO E 171 32.61 -22.29 21.24
N GLY E 172 31.82 -21.26 21.52
CA GLY E 172 31.14 -21.17 22.78
C GLY E 172 30.27 -22.38 23.00
N LEU E 173 29.42 -22.69 22.03
CA LEU E 173 28.54 -23.85 22.14
C LEU E 173 29.31 -25.15 22.21
N TYR E 174 30.31 -25.31 21.36
CA TYR E 174 31.05 -26.56 21.31
C TYR E 174 31.84 -26.90 22.56
N PHE E 175 32.51 -25.89 23.19
CA PHE E 175 33.41 -26.13 24.31
C PHE E 175 32.76 -25.96 25.68
N SER E 176 31.77 -25.09 25.82
CA SER E 176 31.22 -24.80 27.14
C SER E 176 30.60 -26.05 27.77
N LYS E 177 30.78 -26.17 29.08
CA LYS E 177 30.22 -27.29 29.83
C LYS E 177 30.20 -26.95 31.32
N THR E 178 29.44 -27.75 32.06
CA THR E 178 29.30 -27.53 33.48
C THR E 178 30.14 -28.53 34.22
N GLN E 179 30.74 -28.11 35.33
CA GLN E 179 31.53 -29.02 36.15
C GLN E 179 31.45 -28.57 37.61
N TRP E 180 31.74 -29.51 38.52
CA TRP E 180 31.34 -29.38 39.91
C TRP E 180 32.50 -28.96 40.83
N GLU E 181 32.33 -27.79 41.46
CA GLU E 181 33.18 -27.27 42.54
C GLU E 181 32.48 -27.39 43.88
N PHE E 182 32.66 -28.54 44.52
CA PHE E 182 32.62 -28.64 45.98
C PHE E 182 31.44 -27.87 46.58
N THR E 183 30.25 -28.42 46.35
CA THR E 183 28.91 -27.94 46.73
C THR E 183 28.35 -26.87 45.79
N HIS E 184 28.97 -26.61 44.64
CA HIS E 184 28.36 -25.75 43.63
C HIS E 184 28.80 -26.17 42.23
N HIS E 185 28.21 -25.54 41.22
CA HIS E 185 28.44 -25.87 39.82
C HIS E 185 28.96 -24.64 39.08
N THR E 186 29.68 -24.87 37.99
CA THR E 186 30.21 -23.79 37.17
C THR E 186 30.01 -24.11 35.69
N CYS E 187 29.48 -23.13 34.93
CA CYS E 187 29.54 -23.14 33.48
C CYS E 187 30.89 -22.52 33.10
N SER E 188 31.69 -23.22 32.32
CA SER E 188 32.95 -22.66 31.84
C SER E 188 33.22 -23.16 30.44
N LEU E 189 34.17 -22.51 29.76
CA LEU E 189 34.46 -22.88 28.38
C LEU E 189 35.29 -24.16 28.28
N HIS E 190 36.25 -24.34 29.17
CA HIS E 190 37.01 -25.58 29.29
C HIS E 190 37.63 -25.99 27.95
N PHE E 191 38.56 -25.17 27.46
CA PHE E 191 39.22 -25.46 26.21
C PHE E 191 40.18 -26.64 26.38
N PRO E 192 40.56 -27.29 25.27
CA PRO E 192 41.43 -28.47 25.37
C PRO E 192 42.77 -28.17 26.03
N HIS E 193 43.30 -29.18 26.72
CA HIS E 193 44.56 -29.06 27.44
C HIS E 193 45.73 -28.79 26.49
N GLU E 194 46.80 -28.21 27.05
CA GLU E 194 48.03 -27.82 26.38
C GLU E 194 47.80 -26.87 25.21
N SER E 195 46.57 -26.39 24.99
CA SER E 195 46.29 -25.48 23.89
C SER E 195 45.38 -24.34 24.33
N LEU E 196 45.30 -24.05 25.63
CA LEU E 196 44.47 -22.95 26.10
C LEU E 196 44.92 -21.63 25.52
N ARG E 197 46.24 -21.40 25.45
CA ARG E 197 46.76 -20.11 25.04
C ARG E 197 46.39 -19.79 23.60
N GLU E 198 46.55 -20.75 22.69
CA GLU E 198 46.29 -20.48 21.28
C GLU E 198 44.81 -20.24 21.00
N TRP E 199 43.93 -21.04 21.61
CA TRP E 199 42.50 -20.83 21.39
C TRP E 199 41.99 -19.56 22.07
N LYS E 200 42.50 -19.25 23.26
CA LYS E 200 42.16 -17.96 23.86
C LYS E 200 42.64 -16.81 22.98
N LEU E 201 43.84 -16.93 22.41
CA LEU E 201 44.32 -15.91 21.49
C LEU E 201 43.40 -15.78 20.28
N PHE E 202 42.97 -16.91 19.71
CA PHE E 202 42.07 -16.87 18.57
C PHE E 202 40.75 -16.17 18.92
N GLN E 203 40.14 -16.55 20.03
CA GLN E 203 38.84 -15.99 20.38
C GLN E 203 38.96 -14.51 20.75
N ALA E 204 40.01 -14.14 21.48
CA ALA E 204 40.23 -12.75 21.83
C ALA E 204 40.46 -11.91 20.57
N LEU E 205 41.22 -12.43 19.62
CA LEU E 205 41.50 -11.63 18.43
C LEU E 205 40.29 -11.57 17.50
N LYS E 206 39.48 -12.62 17.43
CA LYS E 206 38.26 -12.47 16.63
C LYS E 206 37.37 -11.41 17.25
N LEU E 207 37.23 -11.41 18.58
CA LEU E 207 36.47 -10.35 19.24
C LEU E 207 37.07 -8.99 18.99
N ASN E 208 38.40 -8.88 18.99
CA ASN E 208 39.05 -7.58 18.86
C ASN E 208 38.91 -7.02 17.45
N LEU E 209 39.18 -7.86 16.43
CA LEU E 209 39.15 -7.40 15.06
C LEU E 209 37.74 -7.29 14.50
N PHE E 210 36.76 -8.02 15.02
CA PHE E 210 35.40 -7.85 14.56
C PHE E 210 34.56 -7.00 15.51
N GLY E 211 35.12 -6.62 16.66
CA GLY E 211 34.43 -5.81 17.63
C GLY E 211 34.88 -4.37 17.64
N LEU E 212 36.19 -4.14 17.55
CA LEU E 212 36.71 -2.79 17.48
C LEU E 212 37.21 -2.40 16.10
N VAL E 213 38.19 -3.12 15.56
CA VAL E 213 38.92 -2.61 14.39
C VAL E 213 37.98 -2.43 13.21
N LEU E 214 37.21 -3.46 12.87
CA LEU E 214 36.28 -3.34 11.73
C LEU E 214 35.16 -2.35 11.99
N PRO E 215 34.43 -2.42 13.11
CA PRO E 215 33.37 -1.41 13.34
C PRO E 215 33.89 0.00 13.42
N LEU E 216 35.01 0.21 14.12
CA LEU E 216 35.55 1.56 14.22
C LEU E 216 36.03 2.07 12.87
N LEU E 217 36.66 1.20 12.08
CA LEU E 217 37.12 1.62 10.75
C LEU E 217 35.94 2.01 9.86
N VAL E 218 34.88 1.19 9.88
CA VAL E 218 33.69 1.50 9.09
C VAL E 218 33.07 2.81 9.55
N MET E 219 32.94 3.00 10.88
CA MET E 219 32.37 4.25 11.37
C MET E 219 33.20 5.44 10.95
N ILE E 220 34.53 5.36 11.08
CA ILE E 220 35.37 6.48 10.69
C ILE E 220 35.17 6.84 9.22
N ILE E 221 35.23 5.85 8.33
CA ILE E 221 35.12 6.15 6.91
C ILE E 221 33.73 6.69 6.57
N CYS E 222 32.69 5.97 6.97
CA CYS E 222 31.34 6.35 6.58
C CYS E 222 30.94 7.69 7.17
N TYR E 223 31.22 7.90 8.46
CA TYR E 223 30.83 9.15 9.07
C TYR E 223 31.74 10.29 8.64
N THR E 224 32.96 10.03 8.19
CA THR E 224 33.73 11.08 7.56
C THR E 224 33.03 11.57 6.30
N GLY E 225 32.56 10.63 5.47
CA GLY E 225 31.80 11.04 4.28
C GLY E 225 30.54 11.81 4.64
N ILE E 226 29.77 11.30 5.60
CA ILE E 226 28.52 11.93 5.97
C ILE E 226 28.74 13.33 6.53
N ILE E 227 29.74 13.49 7.41
CA ILE E 227 30.01 14.81 7.98
C ILE E 227 30.56 15.75 6.92
N LYS E 228 31.34 15.24 5.97
CA LYS E 228 31.82 16.08 4.89
C LYS E 228 30.65 16.66 4.09
N ILE E 229 29.63 15.84 3.81
CA ILE E 229 28.47 16.36 3.10
C ILE E 229 27.65 17.31 3.98
N LEU E 230 27.43 16.95 5.25
CA LEU E 230 26.57 17.77 6.09
C LEU E 230 27.13 19.17 6.29
N LEU E 231 28.43 19.36 6.15
CA LEU E 231 29.05 20.66 6.43
C LEU E 231 29.17 21.55 5.21
N ARG E 232 28.70 21.14 4.03
CA ARG E 232 28.64 22.05 2.88
C ARG E 232 27.30 22.79 2.94
N ARG E 233 27.37 24.12 2.94
CA ARG E 233 26.20 24.98 3.05
C ARG E 233 25.45 24.59 4.33
N PRO E 234 26.02 24.89 5.49
CA PRO E 234 25.50 24.30 6.73
C PRO E 234 24.21 24.95 7.21
N ASN E 235 23.48 24.20 8.03
CA ASN E 235 22.25 24.65 8.67
C ASN E 235 22.35 24.34 10.15
N GLU E 236 21.30 24.67 10.89
CA GLU E 236 21.27 24.29 12.30
C GLU E 236 21.05 22.79 12.45
N LYS E 237 20.12 22.24 11.67
CA LYS E 237 19.81 20.80 11.78
C LYS E 237 21.00 19.95 11.36
N LYS E 238 21.74 20.37 10.34
CA LYS E 238 22.92 19.61 9.94
C LYS E 238 23.99 19.65 11.02
N SER E 239 24.16 20.80 11.69
CA SER E 239 25.10 20.87 12.80
C SER E 239 24.68 19.95 13.94
N LYS E 240 23.38 19.91 14.23
CA LYS E 240 22.89 18.99 15.26
C LYS E 240 23.16 17.54 14.88
N ALA E 241 22.95 17.21 13.60
CA ALA E 241 23.22 15.85 13.14
C ALA E 241 24.70 15.50 13.27
N VAL E 242 25.58 16.45 12.94
CA VAL E 242 27.01 16.20 13.10
C VAL E 242 27.36 15.96 14.57
N ARG E 243 26.76 16.73 15.46
CA ARG E 243 26.97 16.51 16.88
C ARG E 243 26.52 15.12 17.29
N LEU E 244 25.36 14.69 16.80
CA LEU E 244 24.87 13.35 17.11
C LEU E 244 25.80 12.26 16.59
N ILE E 245 26.34 12.45 15.38
CA ILE E 245 27.28 11.48 14.82
C ILE E 245 28.51 11.35 15.71
N PHE E 246 29.05 12.48 16.16
CA PHE E 246 30.20 12.43 17.05
C PHE E 246 29.86 11.72 18.35
N VAL E 247 28.66 11.98 18.88
CA VAL E 247 28.22 11.27 20.09
C VAL E 247 28.19 9.77 19.85
N ILE E 248 27.66 9.34 18.71
CA ILE E 248 27.57 7.91 18.42
C ILE E 248 28.96 7.27 18.44
N MET E 249 29.90 7.87 17.71
CA MET E 249 31.24 7.27 17.64
C MET E 249 31.89 7.23 19.01
N ILE E 250 31.77 8.31 19.80
CA ILE E 250 32.40 8.34 21.11
C ILE E 250 31.78 7.30 22.03
N ILE E 251 30.45 7.17 22.03
CA ILE E 251 29.81 6.18 22.89
C ILE E 251 30.26 4.78 22.52
N PHE E 252 30.30 4.46 21.22
CA PHE E 252 30.74 3.13 20.83
C PHE E 252 32.16 2.86 21.32
N PHE E 253 33.08 3.81 21.07
CA PHE E 253 34.48 3.58 21.43
C PHE E 253 34.64 3.37 22.93
N LEU E 254 34.09 4.28 23.74
CA LEU E 254 34.29 4.19 25.19
C LEU E 254 33.54 3.02 25.79
N PHE E 255 32.45 2.57 25.18
CA PHE E 255 31.74 1.43 25.76
C PHE E 255 32.37 0.10 25.36
N TRP E 256 33.08 0.04 24.24
CA TRP E 256 33.59 -1.27 23.83
C TRP E 256 35.08 -1.45 24.01
N THR E 257 35.88 -0.40 24.03
CA THR E 257 37.33 -0.59 24.21
C THR E 257 37.71 -1.19 25.55
N PRO E 258 37.13 -0.76 26.71
CA PRO E 258 37.51 -1.38 27.99
C PRO E 258 37.41 -2.89 28.01
N TYR E 259 36.25 -3.41 27.61
CA TYR E 259 36.03 -4.86 27.62
C TYR E 259 37.07 -5.59 26.79
N ASN E 260 37.30 -5.12 25.56
CA ASN E 260 38.22 -5.80 24.67
C ASN E 260 39.64 -5.75 25.19
N LEU E 261 40.07 -4.61 25.75
CA LEU E 261 41.41 -4.54 26.31
C LEU E 261 41.56 -5.48 27.50
N THR E 262 40.57 -5.52 28.39
CA THR E 262 40.66 -6.42 29.52
C THR E 262 40.69 -7.87 29.11
N ILE E 263 39.89 -8.26 28.10
CA ILE E 263 39.94 -9.63 27.61
C ILE E 263 41.32 -9.95 27.04
N LEU E 264 41.87 -9.05 26.22
CA LEU E 264 43.16 -9.32 25.61
C LEU E 264 44.26 -9.43 26.67
N ILE E 265 44.18 -8.63 27.73
CA ILE E 265 45.12 -8.78 28.84
C ILE E 265 44.92 -10.10 29.55
N SER E 266 43.65 -10.46 29.80
CA SER E 266 43.35 -11.69 30.53
C SER E 266 43.88 -12.92 29.80
N VAL E 267 43.97 -12.86 28.47
CA VAL E 267 44.55 -13.98 27.72
C VAL E 267 46.00 -14.20 28.14
N PHE E 268 46.78 -13.12 28.24
CA PHE E 268 48.20 -13.21 28.55
C PHE E 268 48.53 -12.74 29.97
N GLN E 269 47.66 -13.04 30.93
CA GLN E 269 47.90 -12.56 32.30
C GLN E 269 49.10 -13.23 32.94
N ASP E 270 49.61 -14.33 32.38
CA ASP E 270 50.75 -15.02 32.97
C ASP E 270 52.00 -14.17 32.86
N PHE E 271 52.36 -13.78 31.62
CA PHE E 271 53.63 -13.08 31.41
C PHE E 271 53.57 -11.63 31.87
N LEU E 272 52.45 -10.95 31.62
CA LEU E 272 52.38 -9.52 31.91
C LEU E 272 52.54 -9.24 33.40
N PHE E 273 51.93 -10.07 34.24
CA PHE E 273 51.98 -9.88 35.68
C PHE E 273 53.26 -10.46 36.25
N THR E 274 53.93 -9.72 37.12
CA THR E 274 55.14 -10.24 37.77
C THR E 274 54.72 -11.18 38.88
N HIS E 275 53.54 -10.95 39.45
CA HIS E 275 53.03 -11.83 40.50
C HIS E 275 51.61 -12.23 40.11
N GLU E 276 51.13 -13.34 40.66
CA GLU E 276 49.76 -13.78 40.40
C GLU E 276 49.03 -14.02 41.72
N CYS E 277 47.69 -14.01 41.72
CA CYS E 277 46.85 -14.27 42.91
C CYS E 277 46.66 -13.07 43.81
N GLU E 278 47.39 -12.00 43.56
CA GLU E 278 47.19 -10.77 44.33
C GLU E 278 46.89 -9.72 43.29
N GLN E 279 47.13 -10.07 42.03
CA GLN E 279 46.94 -9.09 40.97
C GLN E 279 45.94 -9.55 39.91
N SER E 280 45.94 -10.83 39.54
CA SER E 280 44.93 -11.28 38.61
C SER E 280 43.55 -11.33 39.25
N ARG E 281 43.46 -11.32 40.60
CA ARG E 281 42.16 -11.04 41.21
C ARG E 281 41.72 -9.62 40.92
N HIS E 282 42.65 -8.66 41.00
CA HIS E 282 42.33 -7.30 40.57
C HIS E 282 41.91 -7.29 39.10
N LEU E 283 42.61 -8.06 38.27
CA LEU E 283 42.23 -8.19 36.86
C LEU E 283 40.82 -8.75 36.72
N ASP E 284 40.47 -9.72 37.57
CA ASP E 284 39.13 -10.29 37.52
C ASP E 284 38.08 -9.24 37.85
N LEU E 285 38.34 -8.41 38.86
CA LEU E 285 37.41 -7.33 39.17
C LEU E 285 37.27 -6.38 37.99
N ALA E 286 38.40 -6.08 37.33
CA ALA E 286 38.35 -5.25 36.13
C ALA E 286 37.49 -5.90 35.06
N VAL E 287 37.61 -7.22 34.90
CA VAL E 287 36.82 -7.91 33.90
C VAL E 287 35.33 -7.81 34.19
N GLN E 288 34.93 -8.02 35.46
CA GLN E 288 33.51 -7.90 35.77
C GLN E 288 32.99 -6.47 35.54
N VAL E 289 33.78 -5.45 35.88
CA VAL E 289 33.26 -4.08 35.71
C VAL E 289 33.16 -3.72 34.22
N THR E 290 34.20 -4.03 33.44
CA THR E 290 34.04 -3.75 32.01
C THR E 290 33.01 -4.63 31.35
N GLU E 291 32.62 -5.74 31.97
CA GLU E 291 31.55 -6.54 31.39
C GLU E 291 30.26 -5.73 31.41
N VAL E 292 29.95 -5.11 32.55
CA VAL E 292 28.77 -4.27 32.66
C VAL E 292 28.87 -3.09 31.71
N ILE E 293 30.08 -2.53 31.60
CA ILE E 293 30.31 -1.39 30.71
C ILE E 293 29.90 -1.76 29.30
N ALA E 294 30.39 -2.91 28.81
CA ALA E 294 30.04 -3.34 27.46
C ALA E 294 28.60 -3.81 27.38
N TYR E 295 28.04 -4.29 28.50
N TYR E 295 27.97 -4.35 28.47
CA TYR E 295 26.66 -4.74 28.55
CA TYR E 295 26.57 -4.73 28.41
C TYR E 295 25.68 -3.61 28.33
C TYR E 295 25.65 -3.54 28.23
N THR E 296 26.00 -2.41 28.79
CA THR E 296 25.08 -1.26 28.73
C THR E 296 24.91 -0.72 27.31
N HIS E 297 25.72 -1.14 26.35
CA HIS E 297 25.52 -0.68 24.98
C HIS E 297 24.20 -1.20 24.42
N CYS E 298 23.74 -2.35 24.91
CA CYS E 298 22.43 -2.88 24.53
C CYS E 298 21.31 -1.96 24.99
N CYS E 299 21.57 -1.20 26.05
CA CYS E 299 20.65 -0.17 26.52
C CYS E 299 20.79 1.12 25.74
N VAL E 300 22.03 1.46 25.38
CA VAL E 300 22.29 2.70 24.65
C VAL E 300 21.72 2.66 23.23
N ASN E 301 21.75 1.51 22.56
CA ASN E 301 21.40 1.46 21.15
C ASN E 301 20.01 1.97 20.80
N PRO E 302 18.92 1.60 21.49
CA PRO E 302 17.61 2.14 21.10
C PRO E 302 17.54 3.66 21.14
N VAL E 303 18.22 4.28 22.10
CA VAL E 303 18.25 5.74 22.16
C VAL E 303 19.01 6.30 20.96
N ILE E 304 20.15 5.71 20.64
CA ILE E 304 21.02 6.28 19.62
C ILE E 304 20.40 6.16 18.23
N TYR E 305 19.88 4.97 17.88
CA TYR E 305 19.44 4.71 16.52
C TYR E 305 17.94 4.86 16.31
N ALA E 306 17.14 4.92 17.36
CA ALA E 306 15.70 4.94 17.16
C ALA E 306 15.05 6.22 17.68
N PHE E 307 15.39 6.62 18.91
CA PHE E 307 14.63 7.66 19.58
C PHE E 307 14.89 9.04 19.01
N VAL E 308 16.09 9.27 18.46
CA VAL E 308 16.47 10.63 18.07
C VAL E 308 15.70 11.09 16.83
N GLY E 309 15.27 10.18 15.96
CA GLY E 309 14.58 10.59 14.75
C GLY E 309 13.17 11.11 15.01
N GLU E 310 12.74 12.04 14.15
CA GLU E 310 11.43 12.65 14.32
C GLU E 310 10.32 11.68 13.92
N ARG E 311 10.48 10.96 12.81
CA ARG E 311 9.44 10.04 12.39
C ARG E 311 9.19 8.96 13.43
N PHE E 312 10.25 8.45 14.05
CA PHE E 312 10.06 7.40 15.04
C PHE E 312 9.28 7.92 16.23
N ARG E 313 9.63 9.10 16.75
CA ARG E 313 8.90 9.66 17.88
C ARG E 313 7.46 9.97 17.49
N LYS E 314 7.25 10.51 16.30
CA LYS E 314 5.90 10.85 15.85
C LYS E 314 5.03 9.61 15.76
N TYR E 315 5.57 8.54 15.18
CA TYR E 315 4.78 7.32 15.05
C TYR E 315 4.60 6.64 16.40
N LEU E 316 5.55 6.85 17.31
CA LEU E 316 5.38 6.39 18.69
C LEU E 316 4.23 7.12 19.37
N ARG E 317 4.14 8.44 19.19
CA ARG E 317 3.03 9.19 19.74
C ARG E 317 1.71 8.73 19.16
N GLN E 318 1.70 8.44 17.85
CA GLN E 318 0.51 7.86 17.24
C GLN E 318 0.17 6.51 17.87
N LEU E 319 1.19 5.72 18.20
CA LEU E 319 0.96 4.46 18.91
C LEU E 319 0.31 4.68 20.26
N PHE E 320 0.76 5.69 21.01
CA PHE E 320 0.08 6.01 22.27
C PHE E 320 -1.36 6.44 22.04
N HIS E 321 -1.60 7.26 21.01
CA HIS E 321 -2.94 7.82 20.82
C HIS E 321 -3.94 6.80 20.30
N ARG E 322 -3.49 5.82 19.51
CA ARG E 322 -4.40 4.81 18.97
C ARG E 322 -4.86 3.86 20.07
N ASP F 1 -9.91 -11.02 -34.90
CA ASP F 1 -10.83 -12.01 -34.35
C ASP F 1 -10.10 -13.07 -33.54
N VAL F 2 -10.82 -13.70 -32.60
CA VAL F 2 -10.22 -14.72 -31.75
C VAL F 2 -9.97 -15.96 -32.58
N GLN F 3 -8.76 -16.51 -32.47
CA GLN F 3 -8.34 -17.59 -33.35
C GLN F 3 -7.34 -18.48 -32.63
N LEU F 4 -7.54 -19.78 -32.73
CA LEU F 4 -6.62 -20.79 -32.21
C LEU F 4 -6.39 -21.80 -33.32
N VAL F 5 -5.15 -21.90 -33.79
CA VAL F 5 -4.80 -22.80 -34.89
C VAL F 5 -3.77 -23.79 -34.40
N GLU F 6 -4.00 -25.07 -34.67
CA GLU F 6 -3.27 -26.14 -34.03
C GLU F 6 -2.47 -26.90 -35.08
N SER F 7 -1.32 -27.44 -34.67
CA SER F 7 -0.45 -28.14 -35.60
C SER F 7 0.33 -29.22 -34.86
N GLY F 8 0.91 -30.12 -35.64
CA GLY F 8 1.75 -31.18 -35.11
C GLY F 8 1.11 -32.54 -35.02
N GLY F 9 -0.10 -32.72 -35.55
CA GLY F 9 -0.79 -33.99 -35.48
C GLY F 9 -0.58 -34.78 -36.76
N GLY F 10 -0.29 -36.06 -36.60
CA GLY F 10 -0.08 -36.95 -37.73
C GLY F 10 0.06 -38.38 -37.26
N LEU F 11 0.24 -39.27 -38.24
CA LEU F 11 0.46 -40.68 -37.93
C LEU F 11 1.75 -40.86 -37.15
N VAL F 12 1.69 -41.70 -36.12
CA VAL F 12 2.84 -41.96 -35.26
C VAL F 12 2.84 -43.42 -34.85
N GLN F 13 4.04 -43.96 -34.64
CA GLN F 13 4.19 -45.32 -34.14
C GLN F 13 4.00 -45.37 -32.63
N PRO F 14 3.53 -46.50 -32.10
CA PRO F 14 3.38 -46.62 -30.65
C PRO F 14 4.71 -46.47 -29.94
N GLY F 15 4.68 -45.84 -28.77
CA GLY F 15 5.89 -45.57 -28.01
C GLY F 15 6.66 -44.36 -28.48
N GLY F 16 6.22 -43.70 -29.54
CA GLY F 16 6.90 -42.51 -30.01
C GLY F 16 6.49 -41.26 -29.25
N SER F 17 7.08 -40.14 -29.64
CA SER F 17 6.83 -38.85 -29.02
C SER F 17 6.38 -37.86 -30.08
N ARG F 18 5.32 -37.11 -29.80
CA ARG F 18 4.88 -36.05 -30.68
C ARG F 18 4.52 -34.81 -29.87
N LYS F 19 4.73 -33.65 -30.48
CA LYS F 19 4.51 -32.38 -29.80
C LYS F 19 3.47 -31.58 -30.57
N LEU F 20 2.38 -31.25 -29.90
CA LEU F 20 1.28 -30.48 -30.48
C LEU F 20 1.43 -29.01 -30.10
N SER F 21 1.11 -28.13 -31.05
CA SER F 21 1.24 -26.70 -30.84
C SER F 21 -0.08 -26.00 -31.12
N CYS F 22 -0.34 -24.92 -30.39
CA CYS F 22 -1.57 -24.17 -30.56
C CYS F 22 -1.28 -22.68 -30.61
N SER F 23 -1.15 -22.11 -31.81
CA SER F 23 -0.93 -20.68 -31.95
C SER F 23 -2.16 -19.88 -31.60
N ALA F 24 -1.97 -18.73 -30.96
CA ALA F 24 -3.08 -17.91 -30.54
C ALA F 24 -3.07 -16.54 -31.19
N SER F 25 -4.20 -16.13 -31.74
CA SER F 25 -4.29 -14.81 -32.36
C SER F 25 -5.57 -14.10 -31.95
N GLY F 26 -5.54 -12.77 -31.89
CA GLY F 26 -6.74 -12.01 -31.60
C GLY F 26 -7.20 -11.84 -30.17
N PHE F 27 -6.36 -12.19 -29.20
CA PHE F 27 -6.72 -12.04 -27.79
C PHE F 27 -5.48 -11.96 -26.91
N ALA F 28 -5.67 -11.62 -25.63
CA ALA F 28 -4.55 -11.57 -24.71
C ALA F 28 -4.30 -12.97 -24.19
N PHE F 29 -3.32 -13.66 -24.76
CA PHE F 29 -3.04 -15.04 -24.38
C PHE F 29 -2.64 -15.20 -22.93
N SER F 30 -1.84 -14.29 -22.42
CA SER F 30 -1.33 -14.41 -21.06
C SER F 30 -2.43 -14.43 -20.00
N SER F 31 -3.46 -13.62 -20.18
CA SER F 31 -4.58 -13.59 -19.24
C SER F 31 -5.36 -14.88 -19.13
N PHE F 32 -5.54 -15.59 -20.23
CA PHE F 32 -6.36 -16.80 -20.23
C PHE F 32 -5.68 -18.10 -19.83
N GLY F 33 -6.35 -18.94 -19.05
CA GLY F 33 -5.83 -20.25 -18.74
C GLY F 33 -6.13 -21.14 -19.93
N MET F 34 -5.34 -22.17 -20.18
CA MET F 34 -5.54 -23.00 -21.37
C MET F 34 -5.77 -24.48 -21.07
N HIS F 35 -6.73 -25.09 -21.75
CA HIS F 35 -7.03 -26.51 -21.55
C HIS F 35 -6.84 -27.31 -22.83
N TRP F 36 -6.50 -28.59 -22.71
CA TRP F 36 -6.43 -29.46 -23.88
C TRP F 36 -7.53 -30.48 -23.68
N VAL F 37 -8.41 -30.66 -24.66
CA VAL F 37 -9.49 -31.64 -24.57
C VAL F 37 -9.48 -32.51 -25.82
N ARG F 38 -9.66 -33.82 -25.68
CA ARG F 38 -9.57 -34.71 -26.84
C ARG F 38 -10.84 -35.47 -27.15
N GLN F 39 -11.09 -35.70 -28.43
CA GLN F 39 -12.24 -36.50 -28.81
C GLN F 39 -11.80 -37.69 -29.61
N ALA F 40 -12.13 -38.88 -29.14
CA ALA F 40 -11.75 -40.11 -29.83
C ALA F 40 -12.69 -40.36 -30.99
N PRO F 41 -12.42 -41.37 -31.82
CA PRO F 41 -13.38 -41.69 -32.89
C PRO F 41 -14.74 -42.07 -32.30
N GLU F 42 -14.79 -42.53 -31.06
CA GLU F 42 -16.05 -42.83 -30.38
C GLU F 42 -16.81 -41.54 -30.11
N LYS F 43 -16.18 -40.40 -30.32
CA LYS F 43 -16.82 -39.10 -30.14
C LYS F 43 -17.33 -38.71 -28.77
N GLY F 44 -16.56 -39.03 -27.74
CA GLY F 44 -16.92 -38.57 -26.41
C GLY F 44 -15.79 -37.67 -25.98
N LEU F 45 -16.10 -36.46 -25.53
CA LEU F 45 -15.06 -35.51 -25.15
C LEU F 45 -14.40 -35.85 -23.83
N GLU F 46 -13.07 -35.78 -23.77
CA GLU F 46 -12.35 -36.05 -22.53
C GLU F 46 -11.32 -34.96 -22.23
N TRP F 47 -11.35 -34.40 -21.04
CA TRP F 47 -10.35 -33.39 -20.66
C TRP F 47 -8.99 -34.02 -20.42
N VAL F 48 -7.93 -33.36 -20.89
CA VAL F 48 -6.58 -33.91 -20.76
C VAL F 48 -5.66 -33.12 -19.83
N ALA F 49 -5.40 -31.86 -20.14
CA ALA F 49 -4.48 -31.07 -19.34
C ALA F 49 -4.87 -29.62 -19.19
N TYR F 50 -4.51 -28.99 -18.07
CA TYR F 50 -4.77 -27.57 -17.87
C TYR F 50 -3.56 -26.79 -17.43
N ILE F 51 -3.26 -25.67 -18.08
CA ILE F 51 -2.18 -24.79 -17.60
C ILE F 51 -2.79 -23.43 -17.28
N SER F 52 -2.53 -22.94 -16.08
CA SER F 52 -3.09 -21.66 -15.65
C SER F 52 -2.41 -20.45 -16.22
N SER F 53 -3.05 -19.29 -16.15
CA SER F 53 -2.39 -18.06 -16.56
C SER F 53 -1.21 -17.84 -15.64
N GLY F 54 -0.06 -17.55 -16.20
CA GLY F 54 1.15 -17.40 -15.39
C GLY F 54 1.82 -18.72 -15.07
N SER F 55 1.25 -19.85 -15.50
CA SER F 55 1.83 -21.19 -15.30
C SER F 55 1.88 -21.69 -13.86
N GLY F 56 1.13 -21.03 -12.97
CA GLY F 56 1.14 -21.43 -11.57
C GLY F 56 0.59 -22.81 -11.26
N THR F 57 -0.52 -23.17 -11.87
CA THR F 57 -1.13 -24.47 -11.61
C THR F 57 -1.23 -25.29 -12.87
N ILE F 58 -0.79 -26.54 -12.80
CA ILE F 58 -0.90 -27.43 -13.94
C ILE F 58 -1.62 -28.69 -13.47
N TYR F 59 -2.63 -29.14 -14.22
CA TYR F 59 -3.39 -30.32 -13.84
C TYR F 59 -3.40 -31.28 -15.00
N TYR F 60 -3.43 -32.58 -14.70
CA TYR F 60 -3.48 -33.59 -15.76
C TYR F 60 -4.50 -34.64 -15.42
N ALA F 61 -5.09 -35.27 -16.43
CA ALA F 61 -6.00 -36.37 -16.18
C ALA F 61 -5.17 -37.58 -15.79
N ASP F 62 -5.77 -38.53 -15.08
CA ASP F 62 -5.04 -39.70 -14.62
C ASP F 62 -4.48 -40.55 -15.75
N THR F 63 -5.23 -40.70 -16.83
CA THR F 63 -4.80 -41.53 -17.95
C THR F 63 -3.52 -41.04 -18.59
N VAL F 64 -3.38 -39.73 -18.76
CA VAL F 64 -2.21 -39.18 -19.43
C VAL F 64 -1.13 -38.74 -18.45
N LYS F 65 -1.37 -38.88 -17.17
CA LYS F 65 -0.41 -38.38 -16.19
C LYS F 65 0.93 -39.08 -16.30
N GLY F 66 2.01 -38.30 -16.32
CA GLY F 66 3.34 -38.86 -16.39
C GLY F 66 3.87 -39.10 -17.80
N ARG F 67 3.00 -39.00 -18.79
CA ARG F 67 3.43 -39.16 -20.18
C ARG F 67 3.21 -37.90 -20.98
N PHE F 68 2.39 -37.00 -20.46
CA PHE F 68 2.04 -35.78 -21.20
C PHE F 68 2.53 -34.56 -20.45
N THR F 69 3.15 -33.62 -21.15
CA THR F 69 3.57 -32.37 -20.50
C THR F 69 2.95 -31.15 -21.18
N ILE F 70 2.35 -30.25 -20.40
CA ILE F 70 1.76 -29.04 -20.96
C ILE F 70 2.54 -27.78 -20.60
N SER F 71 2.88 -26.99 -21.61
CA SER F 71 3.64 -25.78 -21.38
C SER F 71 3.10 -24.65 -22.23
N ARG F 72 3.33 -23.41 -21.81
CA ARG F 72 2.90 -22.27 -22.61
C ARG F 72 4.03 -21.28 -22.82
N ASP F 73 4.12 -20.72 -24.01
CA ASP F 73 5.11 -19.66 -24.22
C ASP F 73 4.30 -18.40 -24.45
N ASP F 74 4.20 -17.56 -23.43
CA ASP F 74 3.38 -16.35 -23.54
C ASP F 74 3.85 -15.30 -24.56
N PRO F 75 5.18 -15.05 -24.66
CA PRO F 75 5.55 -14.04 -25.65
C PRO F 75 5.18 -14.40 -27.09
N LYS F 76 5.32 -15.67 -27.47
CA LYS F 76 4.97 -16.08 -28.83
C LYS F 76 3.54 -16.57 -28.93
N ASN F 77 2.78 -16.46 -27.84
CA ASN F 77 1.36 -16.84 -27.85
C ASN F 77 1.11 -18.30 -28.26
N THR F 78 1.93 -19.22 -27.77
CA THR F 78 1.78 -20.61 -28.19
C THR F 78 1.62 -21.59 -27.04
N LEU F 79 0.70 -22.54 -27.18
CA LEU F 79 0.50 -23.56 -26.15
C LEU F 79 1.04 -24.88 -26.70
N PHE F 80 1.79 -25.62 -25.89
CA PHE F 80 2.39 -26.86 -26.35
C PHE F 80 2.00 -28.07 -25.54
N LEU F 81 1.81 -29.21 -26.18
CA LEU F 81 1.57 -30.44 -25.43
C LEU F 81 2.63 -31.42 -25.89
N GLN F 82 3.41 -31.96 -24.97
CA GLN F 82 4.44 -32.91 -25.33
C GLN F 82 3.94 -34.26 -24.92
N MET F 83 3.90 -35.19 -25.86
CA MET F 83 3.34 -36.49 -25.58
C MET F 83 4.41 -37.55 -25.73
N THR F 84 4.55 -38.43 -24.76
CA THR F 84 5.57 -39.47 -24.79
C THR F 84 4.91 -40.81 -24.54
N SER F 85 5.56 -41.90 -24.95
CA SER F 85 5.01 -43.24 -24.75
C SER F 85 3.60 -43.34 -25.32
N LEU F 86 3.43 -42.91 -26.56
CA LEU F 86 2.10 -42.89 -27.14
C LEU F 86 1.45 -44.26 -27.22
N ARG F 87 0.16 -44.32 -26.91
CA ARG F 87 -0.55 -45.59 -26.88
C ARG F 87 -1.73 -45.54 -27.80
N SER F 88 -2.29 -46.70 -28.14
CA SER F 88 -3.40 -46.74 -29.09
C SER F 88 -4.60 -45.95 -28.58
N GLU F 89 -4.83 -45.96 -27.27
CA GLU F 89 -5.92 -45.20 -26.69
C GLU F 89 -5.76 -43.69 -26.94
N ASP F 90 -4.53 -43.23 -27.05
CA ASP F 90 -4.27 -41.81 -27.29
C ASP F 90 -4.79 -41.26 -28.62
N THR F 91 -5.02 -42.11 -29.63
CA THR F 91 -5.47 -41.58 -30.91
C THR F 91 -6.76 -40.79 -30.72
N ALA F 92 -6.78 -39.55 -31.20
CA ALA F 92 -7.94 -38.68 -30.98
C ALA F 92 -7.77 -37.38 -31.72
N MET F 93 -8.76 -36.50 -31.63
CA MET F 93 -8.62 -35.18 -32.22
C MET F 93 -8.46 -34.27 -31.02
N TYR F 94 -7.39 -33.49 -30.97
CA TYR F 94 -7.11 -32.68 -29.78
C TYR F 94 -7.52 -31.24 -29.93
N TYR F 95 -8.18 -30.69 -28.92
CA TYR F 95 -8.68 -29.31 -28.98
C TYR F 95 -8.04 -28.36 -28.00
N CYS F 96 -7.65 -27.18 -28.45
CA CYS F 96 -7.07 -26.16 -27.60
C CYS F 96 -8.27 -25.37 -27.16
N VAL F 97 -8.38 -25.12 -25.87
CA VAL F 97 -9.56 -24.45 -25.31
C VAL F 97 -9.12 -23.29 -24.43
N ARG F 98 -9.77 -22.15 -24.62
CA ARG F 98 -9.50 -20.90 -23.91
C ARG F 98 -10.40 -20.83 -22.68
N SER F 99 -9.86 -20.33 -21.56
CA SER F 99 -10.67 -20.31 -20.34
C SER F 99 -10.14 -19.29 -19.35
N ILE F 100 -10.95 -18.30 -18.99
CA ILE F 100 -10.55 -17.24 -18.07
C ILE F 100 -11.46 -17.30 -16.84
N TYR F 101 -10.91 -16.98 -15.67
CA TYR F 101 -11.61 -17.16 -14.40
C TYR F 101 -11.55 -15.88 -13.57
N TYR F 102 -12.72 -15.30 -13.33
CA TYR F 102 -12.92 -14.24 -12.35
C TYR F 102 -14.41 -14.17 -12.10
N TYR F 103 -14.79 -13.36 -11.11
CA TYR F 103 -16.21 -13.22 -10.79
C TYR F 103 -16.99 -12.78 -12.03
N GLY F 104 -17.93 -13.62 -12.45
CA GLY F 104 -18.77 -13.34 -13.60
C GLY F 104 -18.17 -13.69 -14.94
N SER F 105 -17.02 -14.35 -14.99
CA SER F 105 -16.40 -14.66 -16.26
C SER F 105 -17.08 -15.87 -16.90
N SER F 106 -16.71 -16.14 -18.15
CA SER F 106 -17.29 -17.21 -18.96
C SER F 106 -16.17 -18.10 -19.47
N PRO F 107 -15.80 -19.13 -18.71
CA PRO F 107 -14.74 -20.04 -19.17
C PRO F 107 -15.22 -21.02 -20.23
N PHE F 108 -14.25 -21.57 -20.97
CA PHE F 108 -14.50 -22.56 -22.03
C PHE F 108 -15.29 -21.97 -23.18
N ASP F 109 -15.12 -20.67 -23.44
CA ASP F 109 -15.96 -19.95 -24.38
C ASP F 109 -15.45 -19.99 -25.81
N PHE F 110 -14.22 -20.45 -26.04
CA PHE F 110 -13.71 -20.54 -27.41
C PHE F 110 -12.83 -21.77 -27.53
N TRP F 111 -13.06 -22.54 -28.59
CA TRP F 111 -12.38 -23.82 -28.82
C TRP F 111 -11.63 -23.74 -30.13
N GLY F 112 -10.51 -24.45 -30.23
CA GLY F 112 -9.75 -24.49 -31.46
C GLY F 112 -10.39 -25.39 -32.50
N GLN F 113 -9.72 -25.47 -33.65
CA GLN F 113 -10.22 -26.32 -34.73
C GLN F 113 -9.91 -27.80 -34.49
N GLY F 114 -8.78 -28.10 -33.87
CA GLY F 114 -8.43 -29.47 -33.56
C GLY F 114 -7.49 -30.09 -34.57
N THR F 115 -6.66 -31.01 -34.09
CA THR F 115 -5.76 -31.78 -34.94
C THR F 115 -5.85 -33.26 -34.61
N THR F 116 -5.65 -34.08 -35.64
CA THR F 116 -5.80 -35.53 -35.55
C THR F 116 -4.46 -36.17 -35.22
N LEU F 117 -4.45 -37.01 -34.19
CA LEU F 117 -3.32 -37.85 -33.84
C LEU F 117 -3.71 -39.30 -34.07
N THR F 118 -2.94 -40.00 -34.90
CA THR F 118 -3.19 -41.39 -35.22
C THR F 118 -2.02 -42.24 -34.74
N VAL F 119 -2.32 -43.24 -33.93
CA VAL F 119 -1.32 -44.18 -33.43
C VAL F 119 -1.55 -45.51 -34.11
N SER F 120 -0.53 -46.00 -34.82
CA SER F 120 -0.67 -47.21 -35.62
C SER F 120 -0.92 -48.42 -34.71
N SER F 121 -1.70 -49.36 -35.22
CA SER F 121 -2.05 -50.58 -34.49
C SER F 121 -2.67 -50.28 -33.13
N GLY F 135 -12.00 -43.20 -8.70
CA GLY F 135 -13.11 -43.58 -7.86
C GLY F 135 -13.85 -42.39 -7.26
N SER F 136 -13.11 -41.31 -7.03
CA SER F 136 -13.69 -40.08 -6.51
C SER F 136 -14.17 -39.13 -7.60
N ASP F 137 -13.93 -39.47 -8.87
CA ASP F 137 -14.36 -38.61 -9.96
C ASP F 137 -15.87 -38.59 -10.08
N ILE F 138 -16.41 -37.44 -10.43
CA ILE F 138 -17.85 -37.30 -10.69
C ILE F 138 -18.14 -37.88 -12.06
N VAL F 139 -19.18 -38.70 -12.16
CA VAL F 139 -19.62 -39.27 -13.42
C VAL F 139 -20.85 -38.51 -13.88
N MET F 140 -20.88 -38.14 -15.16
CA MET F 140 -21.95 -37.34 -15.71
C MET F 140 -22.74 -38.23 -16.67
N THR F 141 -24.05 -38.30 -16.46
CA THR F 141 -24.87 -39.30 -17.13
C THR F 141 -25.95 -38.62 -17.97
N GLN F 142 -25.81 -38.71 -19.29
CA GLN F 142 -26.84 -38.28 -20.23
C GLN F 142 -27.57 -39.52 -20.71
N ALA F 143 -28.80 -39.72 -20.21
CA ALA F 143 -29.49 -40.98 -20.40
C ALA F 143 -29.80 -41.26 -21.87
N THR F 144 -30.25 -40.25 -22.60
CA THR F 144 -30.75 -40.42 -23.95
C THR F 144 -29.61 -40.23 -24.95
N SER F 145 -29.39 -41.23 -25.80
CA SER F 145 -28.32 -41.14 -26.79
C SER F 145 -28.73 -40.30 -27.99
N SER F 146 -29.99 -40.41 -28.41
CA SER F 146 -30.45 -39.73 -29.62
C SER F 146 -31.91 -39.31 -29.46
N VAL F 147 -32.26 -38.17 -30.04
CA VAL F 147 -33.62 -37.65 -30.03
C VAL F 147 -34.00 -37.21 -31.44
N PRO F 148 -34.98 -37.85 -32.08
CA PRO F 148 -35.48 -37.32 -33.35
C PRO F 148 -36.34 -36.10 -33.12
N VAL F 149 -36.08 -35.04 -33.88
CA VAL F 149 -36.76 -33.76 -33.68
C VAL F 149 -37.26 -33.22 -35.00
N THR F 150 -38.27 -32.36 -34.92
CA THR F 150 -38.82 -31.63 -36.05
C THR F 150 -38.72 -30.14 -35.77
N PRO F 151 -38.31 -29.32 -36.74
CA PRO F 151 -38.17 -27.88 -36.48
C PRO F 151 -39.46 -27.26 -35.97
N GLY F 152 -39.34 -26.37 -34.99
CA GLY F 152 -40.45 -25.67 -34.41
C GLY F 152 -40.89 -26.18 -33.04
N GLU F 153 -40.45 -27.36 -32.64
CA GLU F 153 -40.86 -27.89 -31.35
C GLU F 153 -39.77 -27.64 -30.29
N SER F 154 -40.17 -27.77 -29.03
CA SER F 154 -39.27 -27.61 -27.91
C SER F 154 -38.70 -28.97 -27.49
N VAL F 155 -37.40 -28.98 -27.18
CA VAL F 155 -36.68 -30.21 -26.89
C VAL F 155 -35.95 -30.04 -25.56
N SER F 156 -36.06 -31.03 -24.69
CA SER F 156 -35.42 -31.01 -23.39
C SER F 156 -34.35 -32.11 -23.34
N ILE F 157 -33.14 -31.72 -22.93
CA ILE F 157 -32.01 -32.63 -22.81
C ILE F 157 -31.63 -32.69 -21.34
N SER F 158 -31.28 -33.88 -20.86
CA SER F 158 -31.06 -34.10 -19.44
C SER F 158 -29.61 -34.48 -19.16
N CYS F 159 -29.17 -34.18 -17.93
CA CYS F 159 -27.82 -34.47 -17.47
C CYS F 159 -27.87 -34.73 -15.97
N ARG F 160 -27.79 -36.00 -15.59
CA ARG F 160 -27.72 -36.37 -14.19
C ARG F 160 -26.26 -36.42 -13.74
N SER F 161 -26.04 -36.19 -12.45
CA SER F 161 -24.69 -36.08 -11.92
C SER F 161 -24.50 -37.02 -10.75
N SER F 162 -23.25 -37.47 -10.57
CA SER F 162 -22.92 -38.36 -9.46
C SER F 162 -23.15 -37.69 -8.12
N LYS F 163 -22.64 -36.48 -7.94
CA LYS F 163 -22.80 -35.72 -6.71
C LYS F 163 -23.39 -34.35 -7.04
N SER F 164 -23.93 -33.70 -6.02
CA SER F 164 -24.51 -32.37 -6.21
C SER F 164 -23.45 -31.39 -6.67
N LEU F 165 -23.77 -30.63 -7.71
CA LEU F 165 -22.84 -29.67 -8.27
C LEU F 165 -23.00 -28.29 -7.66
N LEU F 166 -23.88 -28.14 -6.69
CA LEU F 166 -24.15 -26.85 -6.06
C LEU F 166 -23.16 -26.65 -4.93
N HIS F 167 -22.30 -25.66 -5.08
CA HIS F 167 -21.29 -25.32 -4.08
C HIS F 167 -21.89 -24.39 -3.03
N SER F 168 -21.16 -24.22 -1.93
CA SER F 168 -21.61 -23.36 -0.84
C SER F 168 -21.69 -21.90 -1.25
N ASN F 169 -21.05 -21.51 -2.36
CA ASN F 169 -21.18 -20.15 -2.86
C ASN F 169 -22.60 -19.85 -3.29
N GLY F 170 -23.26 -20.83 -3.90
CA GLY F 170 -24.49 -20.64 -4.62
C GLY F 170 -24.39 -20.91 -6.10
N ASN F 171 -23.21 -21.27 -6.60
CA ASN F 171 -23.00 -21.58 -8.00
C ASN F 171 -23.23 -23.07 -8.24
N THR F 172 -23.86 -23.39 -9.36
CA THR F 172 -23.95 -24.75 -9.85
C THR F 172 -23.06 -24.86 -11.08
N TYR F 173 -22.07 -25.75 -11.02
CA TYR F 173 -20.99 -25.74 -11.98
C TYR F 173 -21.29 -26.71 -13.12
N LEU F 174 -22.29 -26.35 -13.91
CA LEU F 174 -22.69 -27.10 -15.09
C LEU F 174 -22.50 -26.27 -16.35
N TYR F 175 -21.95 -26.90 -17.38
CA TYR F 175 -21.67 -26.24 -18.65
C TYR F 175 -22.30 -27.07 -19.76
N TRP F 176 -22.89 -26.39 -20.74
CA TRP F 176 -23.50 -27.05 -21.88
C TRP F 176 -22.76 -26.65 -23.15
N PHE F 177 -22.46 -27.63 -23.98
CA PHE F 177 -21.75 -27.41 -25.24
C PHE F 177 -22.54 -28.03 -26.39
N LEU F 178 -22.42 -27.39 -27.55
CA LEU F 178 -22.96 -27.88 -28.80
C LEU F 178 -21.84 -28.17 -29.78
N GLN F 179 -21.86 -29.36 -30.37
CA GLN F 179 -20.91 -29.72 -31.42
C GLN F 179 -21.72 -30.04 -32.67
N ARG F 180 -21.62 -29.17 -33.67
CA ARG F 180 -22.27 -29.37 -34.95
C ARG F 180 -21.43 -30.30 -35.81
N PRO F 181 -22.03 -30.94 -36.82
CA PRO F 181 -21.27 -31.87 -37.66
C PRO F 181 -20.07 -31.19 -38.32
N GLY F 182 -18.89 -31.74 -38.07
CA GLY F 182 -17.67 -31.22 -38.67
C GLY F 182 -17.14 -29.94 -38.08
N GLN F 183 -17.54 -29.59 -36.86
CA GLN F 183 -17.09 -28.36 -36.22
C GLN F 183 -16.62 -28.66 -34.80
N SER F 184 -15.95 -27.67 -34.21
CA SER F 184 -15.54 -27.75 -32.83
C SER F 184 -16.71 -27.39 -31.91
N PRO F 185 -16.69 -27.86 -30.66
CA PRO F 185 -17.79 -27.54 -29.74
C PRO F 185 -17.91 -26.05 -29.46
N GLN F 186 -19.14 -25.63 -29.20
CA GLN F 186 -19.47 -24.24 -28.92
C GLN F 186 -20.16 -24.17 -27.57
N LEU F 187 -19.73 -23.23 -26.73
CA LEU F 187 -20.37 -23.08 -25.43
C LEU F 187 -21.77 -22.50 -25.59
N LEU F 188 -22.72 -23.03 -24.82
CA LEU F 188 -24.09 -22.54 -24.81
C LEU F 188 -24.47 -21.94 -23.46
N ILE F 189 -24.31 -22.70 -22.38
CA ILE F 189 -24.70 -22.29 -21.04
C ILE F 189 -23.49 -22.49 -20.15
N TYR F 190 -22.96 -21.41 -19.57
CA TYR F 190 -21.68 -21.56 -18.90
C TYR F 190 -21.83 -21.82 -17.40
N ARG F 191 -22.90 -21.34 -16.79
CA ARG F 191 -23.28 -21.90 -15.51
C ARG F 191 -24.78 -22.10 -15.59
N MET F 192 -25.29 -23.02 -14.78
CA MET F 192 -26.70 -23.38 -14.87
C MET F 192 -27.56 -22.12 -14.91
N SER F 193 -28.24 -21.92 -16.03
CA SER F 193 -29.13 -20.80 -16.37
C SER F 193 -28.40 -19.53 -16.83
N ASN F 194 -27.09 -19.58 -17.07
CA ASN F 194 -26.39 -18.42 -17.60
C ASN F 194 -26.09 -18.62 -19.09
N LEU F 195 -26.54 -17.69 -19.91
CA LEU F 195 -26.51 -17.83 -21.35
C LEU F 195 -25.26 -17.16 -21.91
N ALA F 196 -24.61 -17.81 -22.86
CA ALA F 196 -23.35 -17.31 -23.40
C ALA F 196 -23.60 -16.19 -24.40
N SER F 197 -22.52 -15.53 -24.80
CA SER F 197 -22.61 -14.42 -25.73
C SER F 197 -22.71 -14.92 -27.17
N GLY F 198 -23.56 -14.26 -27.96
CA GLY F 198 -23.79 -14.69 -29.32
C GLY F 198 -24.67 -15.90 -29.45
N VAL F 199 -25.36 -16.27 -28.38
CA VAL F 199 -26.20 -17.48 -28.35
C VAL F 199 -27.65 -17.04 -28.26
N PRO F 200 -28.52 -17.55 -29.13
CA PRO F 200 -29.92 -17.09 -29.13
C PRO F 200 -30.63 -17.39 -27.82
N ASP F 201 -31.63 -16.56 -27.51
CA ASP F 201 -32.40 -16.72 -26.28
C ASP F 201 -33.28 -17.95 -26.28
N ARG F 202 -33.31 -18.72 -27.38
CA ARG F 202 -34.09 -19.94 -27.41
C ARG F 202 -33.57 -20.97 -26.43
N PHE F 203 -32.25 -21.08 -26.31
CA PHE F 203 -31.64 -22.01 -25.36
C PHE F 203 -31.82 -21.51 -23.94
N SER F 204 -32.23 -22.40 -23.05
CA SER F 204 -32.36 -22.08 -21.63
C SER F 204 -31.86 -23.27 -20.82
N GLY F 205 -31.42 -22.99 -19.61
CA GLY F 205 -30.92 -24.05 -18.73
C GLY F 205 -31.51 -23.93 -17.35
N SER F 206 -31.82 -25.08 -16.75
CA SER F 206 -32.42 -25.08 -15.43
C SER F 206 -32.18 -26.42 -14.76
N GLY F 207 -32.11 -26.39 -13.43
CA GLY F 207 -31.96 -27.63 -12.69
C GLY F 207 -31.78 -27.35 -11.21
N SER F 208 -31.49 -28.43 -10.49
CA SER F 208 -31.21 -28.32 -9.06
C SER F 208 -30.42 -29.53 -8.62
N GLY F 209 -29.39 -29.29 -7.81
CA GLY F 209 -28.65 -30.38 -7.21
C GLY F 209 -27.97 -31.28 -8.22
N THR F 210 -28.52 -32.48 -8.39
CA THR F 210 -27.96 -33.46 -9.32
C THR F 210 -28.72 -33.54 -10.64
N ALA F 211 -29.83 -32.84 -10.80
CA ALA F 211 -30.66 -32.96 -11.99
C ALA F 211 -30.61 -31.68 -12.79
N PHE F 212 -30.46 -31.82 -14.11
CA PHE F 212 -30.21 -30.69 -15.00
C PHE F 212 -30.98 -30.86 -16.29
N THR F 213 -31.27 -29.74 -16.94
CA THR F 213 -32.07 -29.75 -18.16
C THR F 213 -31.72 -28.55 -19.02
N LEU F 214 -31.57 -28.81 -20.32
CA LEU F 214 -31.41 -27.79 -21.34
C LEU F 214 -32.66 -27.81 -22.22
N THR F 215 -33.33 -26.66 -22.32
CA THR F 215 -34.57 -26.53 -23.06
C THR F 215 -34.34 -25.67 -24.29
N ILE F 216 -34.69 -26.21 -25.45
CA ILE F 216 -34.60 -25.47 -26.72
C ILE F 216 -36.02 -25.20 -27.20
N SER F 217 -36.34 -23.94 -27.43
CA SER F 217 -37.64 -23.54 -27.92
C SER F 217 -37.52 -23.03 -29.35
N ARG F 218 -38.53 -23.34 -30.16
CA ARG F 218 -38.55 -23.00 -31.58
C ARG F 218 -37.28 -23.49 -32.27
N LEU F 219 -37.13 -24.82 -32.26
CA LEU F 219 -35.92 -25.45 -32.78
C LEU F 219 -35.74 -25.13 -34.26
N GLU F 220 -34.48 -24.99 -34.66
CA GLU F 220 -34.12 -24.66 -36.03
C GLU F 220 -33.10 -25.67 -36.54
N ALA F 221 -32.83 -25.60 -37.85
CA ALA F 221 -32.00 -26.62 -38.48
C ALA F 221 -30.57 -26.57 -37.96
N GLU F 222 -30.03 -25.38 -37.69
CA GLU F 222 -28.64 -25.28 -37.28
C GLU F 222 -28.39 -25.85 -35.88
N ASP F 223 -29.46 -26.16 -35.15
CA ASP F 223 -29.30 -26.73 -33.82
C ASP F 223 -28.90 -28.21 -33.86
N VAL F 224 -28.94 -28.84 -35.04
CA VAL F 224 -28.64 -30.26 -35.12
C VAL F 224 -27.18 -30.51 -34.77
N GLY F 225 -26.96 -31.43 -33.85
CA GLY F 225 -25.62 -31.75 -33.41
C GLY F 225 -25.67 -32.55 -32.12
N VAL F 226 -24.50 -32.72 -31.51
CA VAL F 226 -24.38 -33.46 -30.26
C VAL F 226 -24.24 -32.46 -29.12
N TYR F 227 -25.00 -32.67 -28.05
CA TYR F 227 -25.01 -31.76 -26.92
C TYR F 227 -24.30 -32.43 -25.75
N TYR F 228 -23.28 -31.77 -25.20
CA TYR F 228 -22.52 -32.29 -24.09
C TYR F 228 -22.74 -31.46 -22.83
N CYS F 229 -22.64 -32.12 -21.69
CA CYS F 229 -22.75 -31.50 -20.39
C CYS F 229 -21.49 -31.79 -19.58
N MET F 230 -20.96 -30.76 -18.93
CA MET F 230 -19.69 -30.83 -18.24
C MET F 230 -19.83 -30.25 -16.84
N GLN F 231 -19.05 -30.76 -15.90
CA GLN F 231 -18.97 -30.19 -14.57
C GLN F 231 -17.63 -29.50 -14.40
N HIS F 232 -17.62 -28.39 -13.65
CA HIS F 232 -16.39 -27.66 -13.37
C HIS F 232 -16.21 -27.49 -11.87
N LEU F 233 -16.80 -28.40 -11.10
CA LEU F 233 -16.71 -28.31 -9.65
C LEU F 233 -15.30 -28.63 -9.14
N GLU F 234 -14.65 -29.65 -9.68
CA GLU F 234 -13.32 -30.01 -9.24
C GLU F 234 -12.60 -30.76 -10.35
N TYR F 235 -11.28 -30.74 -10.29
CA TYR F 235 -10.59 -31.51 -11.31
C TYR F 235 -10.51 -32.98 -10.90
N PRO F 236 -10.51 -33.92 -11.86
CA PRO F 236 -10.58 -33.72 -13.31
C PRO F 236 -11.95 -33.29 -13.81
N LEU F 237 -12.00 -32.61 -14.95
CA LEU F 237 -13.26 -32.19 -15.55
C LEU F 237 -13.82 -33.32 -16.39
N THR F 238 -15.07 -33.70 -16.13
CA THR F 238 -15.68 -34.85 -16.77
C THR F 238 -16.85 -34.41 -17.62
N PHE F 239 -16.92 -34.92 -18.85
CA PHE F 239 -17.96 -34.61 -19.81
C PHE F 239 -19.03 -35.69 -19.76
N GLY F 240 -20.19 -35.38 -20.31
CA GLY F 240 -21.23 -36.37 -20.50
C GLY F 240 -20.96 -37.23 -21.69
N ALA F 241 -21.83 -38.23 -21.87
CA ALA F 241 -21.67 -39.14 -23.00
C ALA F 241 -22.01 -38.49 -24.33
N GLY F 242 -22.97 -37.56 -24.33
CA GLY F 242 -23.35 -36.90 -25.55
C GLY F 242 -24.73 -37.31 -26.04
N THR F 243 -25.61 -36.33 -26.25
CA THR F 243 -26.95 -36.56 -26.77
C THR F 243 -27.05 -36.00 -28.18
N LYS F 244 -27.49 -36.82 -29.12
CA LYS F 244 -27.56 -36.46 -30.53
C LYS F 244 -28.97 -36.03 -30.90
N LEU F 245 -29.06 -34.95 -31.68
CA LEU F 245 -30.31 -34.53 -32.29
C LEU F 245 -30.28 -34.86 -33.77
N GLU F 246 -31.39 -35.40 -34.28
CA GLU F 246 -31.51 -35.85 -35.65
C GLU F 246 -32.68 -35.18 -36.33
N LEU F 247 -32.63 -35.13 -37.66
CA LEU F 247 -33.72 -34.63 -38.49
C LEU F 247 -34.05 -33.17 -38.18
C1 CLR G . 13.07 -11.79 8.46
C2 CLR G . 12.60 -10.61 7.60
C3 CLR G . 11.97 -9.50 8.46
C4 CLR G . 13.05 -9.02 9.45
C5 CLR G . 13.60 -10.12 10.33
C6 CLR G . 13.37 -10.05 11.66
C7 CLR G . 14.02 -11.02 12.65
C8 CLR G . 14.84 -12.10 11.89
C9 CLR G . 14.06 -12.54 10.62
C10 CLR G . 14.05 -11.40 9.59
C11 CLR G . 14.50 -13.90 10.08
C12 CLR G . 14.64 -15.00 11.15
C13 CLR G . 15.71 -14.52 12.18
C14 CLR G . 15.03 -13.26 12.82
C15 CLR G . 15.84 -12.96 14.13
C16 CLR G . 16.06 -14.43 14.69
C17 CLR G . 15.92 -15.42 13.45
C18 CLR G . 17.06 -14.23 11.51
C19 CLR G . 15.49 -11.24 9.00
C20 CLR G . 17.15 -16.33 13.39
C21 CLR G . 16.86 -17.84 13.29
C22 CLR G . 17.87 -16.08 14.76
C23 CLR G . 18.18 -17.39 15.50
C24 CLR G . 19.19 -16.96 16.63
C25 CLR G . 19.58 -18.23 17.42
C26 CLR G . 20.60 -17.80 18.50
C27 CLR G . 18.37 -19.03 17.96
O1 CLR G . 11.39 -8.43 7.73
#